data_5WWS
#
_entry.id   5WWS
#
_cell.length_a   205.236
_cell.length_b   170.262
_cell.length_c   76.883
_cell.angle_alpha   90.000
_cell.angle_beta   108.630
_cell.angle_gamma   90.000
#
_symmetry.space_group_name_H-M   'C 1 2 1'
#
loop_
_entity.id
_entity.type
_entity.pdbx_description
1 polymer tRNA
2 polymer 'Putative methyltransferase NSUN6'
3 non-polymer S-ADENOSYLMETHIONINE
#
loop_
_entity_poly.entity_id
_entity_poly.type
_entity_poly.pdbx_seq_one_letter_code
_entity_poly.pdbx_strand_id
1 'polyribonucleotide' GAGGGUAUAGCUCAGGGGUAGAGCAUUUGACUGCAGAUCAAGAGGUCCCUGGUUCAAAUCCAGGUGCCCUCUCCA C,D
2 'polypeptide(L)'
;MSIFPKISLRPEVENYLKEGFMNKEIVTALGKQEAERKFETLLKHLSHPPSFTTVRVNTHLASVQHVKNLLLDELQKQFN
GLSVPILQHPDLQDVLLIPVIGPRKNIKKQQCEAIVGAQCGNAVLRGAHVYAPGIVSASQFMKAGDVISVYSDIKGKCKK
GAKEFDGTKVFLGNGISELSRKEIFSGLPELKGMGIRMTEPVYLSPSFDSVLPRYLFLQNLPSALVSHVLNPQPGEKILD
LCAAPGGKTTHIAALMHDQGEVIALDKIFNKVEKIKQNALLLGLNSIRAFCFDGTKAVKLDMVEDTEGEPPFLPESFDRI
LLDAPCSGMGQRPNMACTWSVKEVASYQPLQRKLFTAAVQLLKPEGVLVYSTCTITLAENEEQVAWALTKFPCLQLQPQE
PQIGGEGMRGAGLSCEQLKQLQRFDPSAVPLPDTDMDSLREARREDMLRLANKDSIGFFIAKFVKCKSTLEHHHHHH
;
A,B
#
# COMPACT_ATOMS: atom_id res chain seq x y z
N SER C 2 -13.31 -0.50 31.45
CA SER C 2 -13.74 -1.87 31.75
C SER C 2 -13.12 -2.39 33.04
N ILE C 3 -12.00 -3.08 32.90
CA ILE C 3 -11.40 -3.82 34.01
C ILE C 3 -10.54 -2.95 34.94
N PHE C 4 -9.78 -2.01 34.37
CA PHE C 4 -8.88 -1.18 35.16
C PHE C 4 -9.51 0.16 35.52
N PRO C 5 -9.07 0.76 36.64
CA PRO C 5 -9.52 2.11 37.05
C PRO C 5 -8.88 3.20 36.21
N LYS C 6 -9.14 4.47 36.55
CA LYS C 6 -8.53 5.59 35.86
C LYS C 6 -7.03 5.63 36.13
N ILE C 7 -6.30 6.37 35.31
CA ILE C 7 -4.86 6.50 35.48
C ILE C 7 -4.57 7.30 36.75
N SER C 8 -3.80 6.70 37.65
CA SER C 8 -3.49 7.32 38.94
C SER C 8 -2.55 8.51 38.75
N LEU C 9 -3.12 9.70 38.74
CA LEU C 9 -2.35 10.93 38.60
C LEU C 9 -2.28 11.70 39.91
N ARG C 10 -1.25 12.52 40.06
CA ARG C 10 -1.19 13.46 41.17
C ARG C 10 -2.34 14.44 41.02
N PRO C 11 -2.89 14.92 42.15
CA PRO C 11 -4.03 15.85 42.11
C PRO C 11 -3.72 17.08 41.28
N GLU C 12 -2.52 17.63 41.48
CA GLU C 12 -2.07 18.81 40.75
C GLU C 12 -1.95 18.53 39.25
N VAL C 13 -1.43 17.36 38.89
CA VAL C 13 -1.29 16.98 37.50
C VAL C 13 -2.64 16.79 36.82
N GLU C 14 -3.52 16.04 37.47
CA GLU C 14 -4.85 15.79 36.93
C GLU C 14 -5.63 17.09 36.79
N ASN C 15 -5.43 18.01 37.72
CA ASN C 15 -6.05 19.32 37.64
C ASN C 15 -5.46 20.16 36.51
N TYR C 16 -4.17 19.95 36.23
CA TYR C 16 -3.49 20.61 35.13
C TYR C 16 -4.12 20.17 33.81
N LEU C 17 -4.15 18.86 33.60
CA LEU C 17 -4.76 18.29 32.39
C LEU C 17 -6.23 18.71 32.29
N LYS C 18 -6.90 18.76 33.43
CA LYS C 18 -8.29 19.22 33.50
C LYS C 18 -8.40 20.65 32.97
N GLU C 19 -7.50 21.51 33.41
CA GLU C 19 -7.44 22.88 32.90
C GLU C 19 -7.23 22.87 31.40
N GLY C 20 -6.44 21.92 30.92
CA GLY C 20 -6.21 21.76 29.50
C GLY C 20 -7.46 21.45 28.70
N PHE C 21 -8.21 20.44 29.14
CA PHE C 21 -9.35 19.96 28.37
C PHE C 21 -10.66 20.71 28.66
N MET C 22 -10.61 21.65 29.58
CA MET C 22 -11.81 22.40 29.96
C MET C 22 -11.65 23.89 29.72
N ASN C 23 -10.88 24.24 28.69
CA ASN C 23 -10.65 25.65 28.36
C ASN C 23 -11.92 26.32 27.83
N LYS C 24 -11.86 27.64 27.69
CA LYS C 24 -13.01 28.46 27.30
C LYS C 24 -13.64 28.03 25.98
N GLU C 25 -12.79 27.70 25.01
CA GLU C 25 -13.25 27.39 23.65
C GLU C 25 -14.03 26.07 23.61
N ILE C 26 -13.48 25.04 24.24
CA ILE C 26 -14.13 23.73 24.28
C ILE C 26 -15.45 23.81 25.04
N VAL C 27 -15.43 24.51 26.17
CA VAL C 27 -16.64 24.72 26.96
C VAL C 27 -17.69 25.46 26.13
N THR C 28 -17.24 26.45 25.37
CA THR C 28 -18.13 27.20 24.49
C THR C 28 -18.79 26.30 23.44
N ALA C 29 -17.97 25.47 22.79
CA ALA C 29 -18.46 24.65 21.68
C ALA C 29 -19.05 23.30 22.11
N LEU C 30 -19.07 23.02 23.41
CA LEU C 30 -19.53 21.72 23.88
C LEU C 30 -20.25 21.76 25.23
N GLY C 31 -19.87 22.69 26.10
CA GLY C 31 -20.45 22.76 27.43
C GLY C 31 -19.64 21.97 28.45
N LYS C 32 -19.68 22.43 29.70
CA LYS C 32 -18.92 21.82 30.78
C LYS C 32 -19.32 20.37 31.03
N GLN C 33 -20.63 20.13 31.05
CA GLN C 33 -21.19 18.80 31.31
C GLN C 33 -20.65 17.75 30.34
N GLU C 34 -20.32 18.18 29.13
CA GLU C 34 -19.85 17.27 28.09
C GLU C 34 -18.33 17.11 28.13
N ALA C 35 -17.64 18.25 28.14
CA ALA C 35 -16.18 18.26 28.17
C ALA C 35 -15.62 17.51 29.37
N GLU C 36 -16.26 17.67 30.52
CA GLU C 36 -15.82 16.98 31.73
C GLU C 36 -15.91 15.45 31.58
N ARG C 37 -17.02 14.99 31.02
CA ARG C 37 -17.23 13.56 30.80
C ARG C 37 -16.24 13.04 29.77
N LYS C 38 -15.93 13.87 28.77
CA LYS C 38 -14.94 13.52 27.76
C LYS C 38 -13.59 13.29 28.42
N PHE C 39 -13.18 14.24 29.25
CA PHE C 39 -11.93 14.17 30.00
C PHE C 39 -11.85 12.92 30.87
N GLU C 40 -12.89 12.69 31.66
CA GLU C 40 -12.95 11.52 32.54
C GLU C 40 -12.89 10.22 31.75
N THR C 41 -13.56 10.18 30.61
CA THR C 41 -13.56 9.02 29.74
C THR C 41 -12.14 8.76 29.24
N LEU C 42 -11.44 9.83 28.89
CA LEU C 42 -10.04 9.75 28.48
C LEU C 42 -9.20 9.14 29.59
N LEU C 43 -9.31 9.68 30.79
CA LEU C 43 -8.57 9.18 31.95
C LEU C 43 -8.89 7.71 32.24
N LYS C 44 -10.11 7.31 31.90
CA LYS C 44 -10.52 5.92 32.11
C LYS C 44 -9.92 5.00 31.04
N HIS C 45 -9.73 5.53 29.84
CA HIS C 45 -9.22 4.74 28.73
C HIS C 45 -7.70 4.57 28.73
N LEU C 46 -6.99 5.53 29.32
CA LEU C 46 -5.53 5.53 29.31
C LEU C 46 -4.91 4.36 30.08
N SER C 47 -5.71 3.71 30.93
CA SER C 47 -5.20 2.63 31.77
C SER C 47 -5.27 1.29 31.04
N HIS C 48 -5.92 1.28 29.89
CA HIS C 48 -6.16 0.03 29.17
C HIS C 48 -5.35 -0.03 27.88
N PRO C 49 -4.82 -1.21 27.56
CA PRO C 49 -4.05 -1.45 26.34
C PRO C 49 -4.84 -1.14 25.08
N PRO C 50 -4.16 -0.71 24.01
CA PRO C 50 -4.82 -0.57 22.72
C PRO C 50 -5.40 -1.90 22.27
N SER C 51 -6.55 -1.87 21.61
CA SER C 51 -7.25 -3.10 21.24
C SER C 51 -6.61 -3.82 20.05
N PHE C 52 -5.51 -3.26 19.55
CA PHE C 52 -4.84 -3.84 18.39
C PHE C 52 -3.32 -3.83 18.50
N THR C 53 -2.72 -5.00 18.35
CA THR C 53 -1.28 -5.12 18.16
C THR C 53 -0.94 -4.78 16.72
N THR C 54 -0.24 -3.66 16.52
CA THR C 54 0.10 -3.19 15.18
C THR C 54 1.57 -3.47 14.87
N VAL C 55 1.82 -4.07 13.71
CA VAL C 55 3.17 -4.47 13.33
C VAL C 55 3.58 -3.86 12.00
N ARG C 56 4.71 -3.14 11.97
CA ARG C 56 5.19 -2.60 10.71
C ARG C 56 6.06 -3.62 9.99
N VAL C 57 5.77 -3.83 8.71
CA VAL C 57 6.53 -4.74 7.87
C VAL C 57 7.73 -4.02 7.23
N ASN C 58 8.90 -4.62 7.34
CA ASN C 58 10.09 -4.08 6.70
C ASN C 58 10.09 -4.46 5.22
N THR C 59 9.43 -3.63 4.42
CA THR C 59 9.22 -3.92 3.00
C THR C 59 10.52 -4.02 2.21
N HIS C 60 11.62 -3.56 2.79
CA HIS C 60 12.91 -3.56 2.11
C HIS C 60 13.60 -4.92 2.21
N LEU C 61 12.98 -5.86 2.93
CA LEU C 61 13.54 -7.19 3.07
C LEU C 61 12.49 -8.27 2.82
N ALA C 62 11.22 -7.92 3.03
CA ALA C 62 10.13 -8.85 2.81
C ALA C 62 8.82 -8.12 2.53
N SER C 63 8.00 -8.69 1.66
CA SER C 63 6.71 -8.10 1.33
C SER C 63 5.71 -8.31 2.46
N VAL C 64 4.63 -7.56 2.44
CA VAL C 64 3.61 -7.63 3.48
C VAL C 64 2.90 -8.99 3.45
N GLN C 65 2.70 -9.53 2.26
CA GLN C 65 2.06 -10.83 2.09
C GLN C 65 2.85 -11.95 2.77
N HIS C 66 4.13 -12.04 2.41
CA HIS C 66 5.06 -13.04 2.96
C HIS C 66 5.10 -12.99 4.49
N VAL C 67 5.38 -11.79 5.00
CA VAL C 67 5.43 -11.55 6.43
C VAL C 67 4.12 -11.91 7.12
N LYS C 68 3.00 -11.59 6.49
CA LYS C 68 1.69 -11.90 7.04
C LYS C 68 1.49 -13.40 7.17
N ASN C 69 1.91 -14.15 6.13
CA ASN C 69 1.81 -15.60 6.18
C ASN C 69 2.69 -16.20 7.27
N LEU C 70 3.94 -15.75 7.33
CA LEU C 70 4.87 -16.21 8.36
C LEU C 70 4.31 -15.93 9.76
N LEU C 71 3.70 -14.77 9.92
CA LEU C 71 3.09 -14.40 11.19
C LEU C 71 1.83 -15.21 11.47
N LEU C 72 1.18 -15.70 10.41
CA LEU C 72 0.04 -16.59 10.58
C LEU C 72 0.53 -17.91 11.17
N ASP C 73 1.62 -18.43 10.63
CA ASP C 73 2.25 -19.62 11.20
C ASP C 73 2.70 -19.39 12.64
N GLU C 74 3.27 -18.21 12.89
CA GLU C 74 3.76 -17.85 14.20
C GLU C 74 2.64 -17.79 15.24
N LEU C 75 1.52 -17.18 14.87
CA LEU C 75 0.37 -17.11 15.76
C LEU C 75 -0.26 -18.49 15.94
N GLN C 76 -0.16 -19.32 14.90
CA GLN C 76 -0.59 -20.71 14.99
C GLN C 76 0.19 -21.41 16.09
N LYS C 77 1.50 -21.16 16.14
CA LYS C 77 2.36 -21.78 17.15
C LYS C 77 2.13 -21.22 18.56
N GLN C 78 2.13 -19.89 18.68
CA GLN C 78 2.05 -19.25 20.00
C GLN C 78 0.72 -19.50 20.72
N PHE C 79 -0.37 -19.42 19.99
CA PHE C 79 -1.70 -19.52 20.60
C PHE C 79 -2.25 -20.95 20.56
N ASN C 80 -1.36 -21.91 20.33
CA ASN C 80 -1.70 -23.33 20.33
C ASN C 80 -2.86 -23.68 19.39
N GLY C 81 -2.95 -22.94 18.29
CA GLY C 81 -3.95 -23.23 17.27
C GLY C 81 -5.24 -22.45 17.42
N LEU C 82 -5.16 -21.28 18.05
CA LEU C 82 -6.33 -20.39 18.12
C LEU C 82 -6.56 -19.76 16.76
N SER C 83 -7.57 -18.89 16.66
CA SER C 83 -7.87 -18.27 15.38
C SER C 83 -8.09 -16.77 15.51
N VAL C 84 -7.00 -16.02 15.55
CA VAL C 84 -7.06 -14.57 15.48
C VAL C 84 -6.61 -14.10 14.10
N PRO C 85 -7.35 -13.15 13.51
CA PRO C 85 -7.05 -12.68 12.16
C PRO C 85 -5.88 -11.71 12.12
N ILE C 86 -5.30 -11.52 10.94
CA ILE C 86 -4.27 -10.50 10.75
C ILE C 86 -4.66 -9.61 9.58
N LEU C 87 -5.33 -8.50 9.88
CA LEU C 87 -5.76 -7.56 8.85
C LEU C 87 -4.60 -6.77 8.27
N GLN C 88 -4.83 -6.21 7.09
CA GLN C 88 -3.86 -5.31 6.47
C GLN C 88 -4.52 -3.94 6.25
N HIS C 89 -3.92 -2.91 6.80
CA HIS C 89 -4.49 -1.56 6.72
C HIS C 89 -4.52 -1.07 5.27
N PRO C 90 -5.68 -0.56 4.84
CA PRO C 90 -5.85 -0.09 3.46
C PRO C 90 -5.11 1.23 3.20
N ASP C 91 -4.98 2.05 4.24
CA ASP C 91 -4.31 3.34 4.10
C ASP C 91 -2.82 3.22 4.38
N LEU C 92 -2.46 2.57 5.48
CA LEU C 92 -1.07 2.28 5.78
C LEU C 92 -0.69 0.95 5.16
N GLN C 93 -0.13 1.00 3.96
CA GLN C 93 0.06 -0.19 3.13
C GLN C 93 0.99 -1.23 3.74
N ASP C 94 1.94 -0.78 4.56
CA ASP C 94 2.93 -1.67 5.14
C ASP C 94 2.71 -1.95 6.62
N VAL C 95 1.45 -1.92 7.05
CA VAL C 95 1.12 -2.16 8.45
C VAL C 95 0.13 -3.32 8.60
N LEU C 96 0.44 -4.24 9.50
CA LEU C 96 -0.45 -5.35 9.83
C LEU C 96 -1.14 -5.13 11.18
N LEU C 97 -2.37 -5.63 11.30
CA LEU C 97 -3.17 -5.43 12.50
C LEU C 97 -3.65 -6.76 13.10
N ILE C 98 -3.36 -6.98 14.37
CA ILE C 98 -3.81 -8.18 15.06
C ILE C 98 -4.65 -7.83 16.29
N PRO C 99 -5.91 -8.25 16.32
CA PRO C 99 -6.81 -7.87 17.42
C PRO C 99 -6.37 -8.44 18.76
N VAL C 100 -6.73 -7.76 19.84
CA VAL C 100 -6.34 -8.18 21.18
C VAL C 100 -7.49 -8.87 21.89
N ILE C 101 -7.24 -10.10 22.33
CA ILE C 101 -8.25 -10.88 23.04
C ILE C 101 -8.21 -10.60 24.54
N GLY C 102 -9.12 -9.76 25.01
CA GLY C 102 -9.17 -9.40 26.41
C GLY C 102 -10.21 -8.33 26.67
N PRO C 103 -10.41 -7.97 27.95
CA PRO C 103 -9.73 -8.58 29.09
C PRO C 103 -10.40 -9.87 29.56
N ARG C 104 -9.66 -10.70 30.28
CA ARG C 104 -10.17 -11.94 30.81
C ARG C 104 -10.27 -11.85 32.33
N LYS C 105 -11.50 -11.81 32.84
CA LYS C 105 -11.74 -11.58 34.26
C LYS C 105 -11.84 -12.87 35.05
N ASN C 106 -11.77 -14.00 34.36
CA ASN C 106 -11.93 -15.30 35.00
C ASN C 106 -10.62 -16.01 35.31
N ILE C 107 -9.53 -15.25 35.39
CA ILE C 107 -8.23 -15.83 35.69
C ILE C 107 -8.11 -16.08 37.20
N LYS C 108 -7.84 -17.32 37.57
CA LYS C 108 -7.73 -17.67 38.99
C LYS C 108 -6.32 -17.35 39.51
N LYS C 109 -6.28 -16.52 40.55
CA LYS C 109 -5.02 -16.02 41.09
C LYS C 109 -4.31 -17.05 41.96
N GLN C 110 -3.06 -17.35 41.62
CA GLN C 110 -2.26 -18.30 42.38
C GLN C 110 -1.67 -17.66 43.64
N GLN C 111 -1.11 -18.50 44.51
CA GLN C 111 -0.53 -18.02 45.76
C GLN C 111 0.92 -17.58 45.58
N CYS C 112 1.64 -18.26 44.70
CA CYS C 112 3.00 -17.87 44.38
C CYS C 112 2.96 -16.63 43.50
N GLU C 113 3.44 -15.51 44.02
CA GLU C 113 3.32 -14.23 43.31
C GLU C 113 4.66 -13.67 42.83
N ALA C 114 4.58 -12.78 41.87
CA ALA C 114 5.75 -12.07 41.35
C ALA C 114 5.37 -10.65 40.97
N ILE C 115 6.27 -9.71 41.24
CA ILE C 115 6.00 -8.30 40.97
C ILE C 115 7.04 -7.70 40.03
N VAL C 116 6.57 -7.14 38.93
CA VAL C 116 7.45 -6.52 37.95
C VAL C 116 7.37 -5.01 38.04
N GLY C 117 8.28 -4.33 37.33
CA GLY C 117 8.24 -2.88 37.24
C GLY C 117 7.02 -2.47 36.43
N ALA C 118 6.57 -1.23 36.61
CA ALA C 118 5.39 -0.74 35.92
C ALA C 118 5.51 -0.85 34.41
N GLN C 119 6.67 -0.47 33.89
CA GLN C 119 6.93 -0.51 32.46
C GLN C 119 6.87 -1.94 31.93
N CYS C 120 7.48 -2.86 32.68
CA CYS C 120 7.43 -4.27 32.32
C CYS C 120 6.00 -4.77 32.33
N GLY C 121 5.21 -4.30 33.30
CA GLY C 121 3.80 -4.65 33.38
C GLY C 121 3.06 -4.22 32.13
N ASN C 122 3.26 -2.96 31.75
CA ASN C 122 2.67 -2.42 30.53
C ASN C 122 3.07 -3.24 29.31
N ALA C 123 4.33 -3.68 29.28
CA ALA C 123 4.79 -4.53 28.19
C ALA C 123 4.05 -5.87 28.18
N VAL C 124 3.83 -6.41 29.37
CA VAL C 124 3.13 -7.69 29.52
C VAL C 124 1.69 -7.58 29.03
N LEU C 125 1.03 -6.47 29.35
CA LEU C 125 -0.33 -6.23 28.88
C LEU C 125 -0.39 -6.12 27.36
N ARG C 126 0.73 -5.76 26.75
CA ARG C 126 0.82 -5.62 25.30
C ARG C 126 1.29 -6.91 24.64
N GLY C 127 1.38 -7.98 25.43
CA GLY C 127 1.66 -9.30 24.91
C GLY C 127 3.09 -9.80 25.06
N ALA C 128 3.80 -9.24 26.04
CA ALA C 128 5.18 -9.65 26.27
C ALA C 128 5.29 -10.58 27.48
N HIS C 129 6.30 -11.44 27.46
CA HIS C 129 6.61 -12.27 28.62
C HIS C 129 7.41 -11.45 29.62
N VAL C 130 7.64 -12.01 30.80
CA VAL C 130 8.43 -11.33 31.81
C VAL C 130 9.86 -11.81 31.79
N TYR C 131 10.76 -10.96 31.30
CA TYR C 131 12.18 -11.29 31.24
C TYR C 131 12.88 -10.88 32.52
N ALA C 132 14.00 -11.55 32.82
CA ALA C 132 14.69 -11.45 34.10
C ALA C 132 14.91 -10.02 34.64
N PRO C 133 15.37 -9.07 33.80
CA PRO C 133 15.62 -7.75 34.38
C PRO C 133 14.35 -7.00 34.84
N GLY C 134 13.19 -7.56 34.54
CA GLY C 134 11.93 -6.91 34.85
C GLY C 134 11.41 -7.19 36.24
N ILE C 135 11.68 -8.38 36.74
CA ILE C 135 11.22 -8.79 38.06
C ILE C 135 11.90 -8.01 39.18
N VAL C 136 11.10 -7.38 40.03
CA VAL C 136 11.63 -6.60 41.15
C VAL C 136 11.20 -7.20 42.50
N SER C 137 10.39 -8.24 42.44
CA SER C 137 9.91 -8.93 43.64
C SER C 137 9.31 -10.28 43.29
N ALA C 138 9.43 -11.22 44.23
CA ALA C 138 8.92 -12.58 44.01
C ALA C 138 8.81 -13.32 45.34
N SER C 139 7.88 -14.27 45.40
CA SER C 139 7.72 -15.13 46.57
C SER C 139 9.01 -15.88 46.88
N GLN C 140 9.44 -15.85 48.13
CA GLN C 140 10.71 -16.44 48.53
C GLN C 140 10.75 -17.94 48.32
N PHE C 141 9.57 -18.55 48.20
CA PHE C 141 9.46 -19.99 48.02
C PHE C 141 9.28 -20.39 46.57
N MET C 142 9.55 -19.47 45.65
CA MET C 142 9.35 -19.74 44.23
C MET C 142 10.45 -20.62 43.64
N LYS C 143 10.03 -21.71 43.01
CA LYS C 143 10.95 -22.58 42.28
C LYS C 143 10.69 -22.43 40.79
N ALA C 144 11.68 -22.80 39.97
CA ALA C 144 11.53 -22.75 38.53
C ALA C 144 10.50 -23.80 38.08
N GLY C 145 9.40 -23.33 37.50
CA GLY C 145 8.36 -24.21 37.04
C GLY C 145 7.02 -23.94 37.70
N ASP C 146 7.06 -23.17 38.79
CA ASP C 146 5.86 -22.83 39.53
C ASP C 146 4.92 -21.93 38.74
N VAL C 147 3.64 -22.29 38.70
CA VAL C 147 2.64 -21.45 38.09
C VAL C 147 2.37 -20.25 39.00
N ILE C 148 2.87 -19.09 38.60
CA ILE C 148 2.81 -17.91 39.44
C ILE C 148 1.91 -16.82 38.85
N SER C 149 1.50 -15.88 39.71
CA SER C 149 0.68 -14.77 39.29
C SER C 149 1.50 -13.48 39.26
N VAL C 150 1.56 -12.84 38.09
CA VAL C 150 2.35 -11.64 37.92
C VAL C 150 1.52 -10.40 38.24
N TYR C 151 2.07 -9.53 39.08
CA TYR C 151 1.42 -8.27 39.42
C TYR C 151 2.30 -7.09 39.03
N SER C 152 1.67 -5.99 38.61
CA SER C 152 2.40 -4.80 38.19
C SER C 152 2.48 -3.74 39.28
N ASP C 153 3.71 -3.37 39.65
CA ASP C 153 3.93 -2.29 40.60
C ASP C 153 3.75 -0.94 39.89
N ILE C 154 2.50 -0.55 39.68
CA ILE C 154 2.18 0.61 38.87
C ILE C 154 2.70 1.92 39.45
N LYS C 155 2.90 1.94 40.77
CA LYS C 155 3.39 3.13 41.44
C LYS C 155 4.91 3.16 41.47
N GLY C 156 5.53 2.01 41.22
CA GLY C 156 6.97 1.89 41.28
C GLY C 156 7.49 2.14 42.69
N LYS C 157 6.86 1.49 43.66
CA LYS C 157 7.17 1.74 45.06
C LYS C 157 7.77 0.50 45.73
N CYS C 158 7.83 -0.60 44.98
CA CYS C 158 8.41 -1.83 45.50
C CYS C 158 9.92 -1.80 45.44
N LYS C 159 10.55 -1.90 46.59
CA LYS C 159 12.00 -1.91 46.67
C LYS C 159 12.51 -3.29 46.27
N LYS C 160 13.40 -3.32 45.28
CA LYS C 160 13.85 -4.56 44.64
C LYS C 160 14.35 -5.61 45.63
N GLY C 161 13.88 -6.84 45.47
CA GLY C 161 14.30 -7.94 46.31
C GLY C 161 13.33 -8.26 47.42
N ALA C 162 12.37 -7.37 47.63
CA ALA C 162 11.39 -7.51 48.71
C ALA C 162 10.64 -8.83 48.65
N LYS C 163 10.28 -9.36 49.82
CA LYS C 163 9.56 -10.62 49.92
C LYS C 163 8.08 -10.38 50.17
N GLU C 164 7.73 -9.12 50.41
CA GLU C 164 6.34 -8.72 50.60
C GLU C 164 6.13 -7.30 50.09
N PHE C 165 4.90 -7.00 49.69
CA PHE C 165 4.58 -5.68 49.15
C PHE C 165 3.15 -5.28 49.49
N ASP C 166 3.01 -4.21 50.26
CA ASP C 166 1.70 -3.75 50.71
C ASP C 166 1.17 -2.64 49.81
N GLY C 167 1.96 -2.26 48.81
CA GLY C 167 1.60 -1.18 47.92
C GLY C 167 0.57 -1.59 46.89
N THR C 168 0.49 -0.82 45.80
CA THR C 168 -0.53 -1.04 44.79
C THR C 168 -0.06 -2.02 43.71
N LYS C 169 -0.77 -3.15 43.61
CA LYS C 169 -0.48 -4.14 42.59
C LYS C 169 -1.63 -4.21 41.58
N VAL C 170 -1.31 -4.66 40.37
CA VAL C 170 -2.33 -4.89 39.36
C VAL C 170 -2.10 -6.24 38.69
N PHE C 171 -3.11 -7.11 38.78
CA PHE C 171 -3.00 -8.45 38.24
C PHE C 171 -2.88 -8.42 36.72
N LEU C 172 -1.83 -9.06 36.21
CA LEU C 172 -1.56 -9.07 34.78
C LEU C 172 -1.89 -10.43 34.18
N GLY C 173 -1.90 -11.45 35.04
CA GLY C 173 -2.18 -12.81 34.60
C GLY C 173 -1.27 -13.83 35.25
N ASN C 174 -1.34 -15.06 34.75
CA ASN C 174 -0.54 -16.14 35.30
C ASN C 174 0.50 -16.63 34.29
N GLY C 175 1.58 -17.19 34.79
CA GLY C 175 2.64 -17.69 33.93
C GLY C 175 3.55 -18.69 34.60
N ILE C 176 4.22 -19.51 33.80
CA ILE C 176 5.18 -20.48 34.32
C ILE C 176 6.54 -19.83 34.53
N SER C 177 7.03 -19.88 35.76
CA SER C 177 8.33 -19.32 36.10
C SER C 177 9.45 -20.20 35.55
N GLU C 178 10.59 -19.59 35.24
CA GLU C 178 11.75 -20.35 34.76
C GLU C 178 12.98 -20.06 35.63
N LEU C 179 12.78 -19.30 36.70
CA LEU C 179 13.84 -19.01 37.65
C LEU C 179 13.29 -19.04 39.07
N SER C 180 14.12 -19.43 40.03
CA SER C 180 13.75 -19.34 41.43
C SER C 180 14.06 -17.94 41.92
N ARG C 181 13.54 -17.57 43.09
CA ARG C 181 13.81 -16.23 43.63
C ARG C 181 15.28 -16.12 43.96
N LYS C 182 15.88 -17.24 44.34
CA LYS C 182 17.31 -17.30 44.62
C LYS C 182 18.11 -16.90 43.37
N GLU C 183 17.90 -17.63 42.28
CA GLU C 183 18.60 -17.37 41.03
C GLU C 183 18.53 -15.91 40.60
N ILE C 184 17.43 -15.25 40.95
CA ILE C 184 17.21 -13.86 40.57
C ILE C 184 17.91 -12.88 41.51
N PHE C 185 17.72 -13.06 42.81
CA PHE C 185 18.18 -12.06 43.78
C PHE C 185 19.40 -12.45 44.61
N SER C 186 19.90 -13.69 44.45
CA SER C 186 21.10 -14.11 45.17
C SER C 186 22.34 -13.55 44.48
N GLY C 187 23.19 -12.89 45.26
CA GLY C 187 24.37 -12.24 44.72
C GLY C 187 23.95 -11.05 43.88
N LEU C 188 24.63 -10.85 42.75
CA LEU C 188 24.24 -9.79 41.82
C LEU C 188 24.55 -10.14 40.37
N PRO C 189 24.04 -11.27 39.87
CA PRO C 189 24.27 -11.54 38.45
C PRO C 189 23.29 -10.77 37.57
N GLU C 190 23.79 -9.84 36.76
CA GLU C 190 22.94 -9.07 35.87
C GLU C 190 22.40 -9.94 34.75
N LEU C 191 21.72 -11.02 35.13
CA LEU C 191 21.33 -12.06 34.18
C LEU C 191 20.19 -11.64 33.27
N LYS C 192 20.21 -12.17 32.06
CA LYS C 192 19.17 -11.93 31.08
C LYS C 192 18.37 -13.21 30.83
N GLY C 193 17.45 -13.15 29.88
CA GLY C 193 16.70 -14.34 29.50
C GLY C 193 15.28 -14.35 30.05
N MET C 194 14.59 -15.46 29.82
CA MET C 194 13.21 -15.62 30.26
C MET C 194 13.12 -15.69 31.78
N GLY C 195 12.08 -15.08 32.33
CA GLY C 195 11.82 -15.14 33.76
C GLY C 195 10.49 -15.79 34.05
N ILE C 196 9.45 -15.29 33.39
CA ILE C 196 8.10 -15.83 33.56
C ILE C 196 7.38 -15.94 32.22
N ARG C 197 7.18 -17.16 31.74
CA ARG C 197 6.43 -17.38 30.51
C ARG C 197 4.93 -17.22 30.76
N MET C 198 4.37 -16.11 30.31
CA MET C 198 2.95 -15.84 30.49
C MET C 198 2.09 -16.88 29.77
N THR C 199 1.23 -17.56 30.51
CA THR C 199 0.39 -18.60 29.95
C THR C 199 -1.09 -18.19 29.96
N GLU C 200 -1.46 -17.38 30.94
CA GLU C 200 -2.83 -16.87 31.02
C GLU C 200 -2.85 -15.38 31.33
N PRO C 201 -2.55 -14.55 30.31
CA PRO C 201 -2.56 -13.10 30.50
C PRO C 201 -3.97 -12.54 30.50
N VAL C 202 -4.17 -11.39 31.14
CA VAL C 202 -5.47 -10.72 31.11
C VAL C 202 -5.80 -10.33 29.68
N TYR C 203 -4.84 -9.73 29.00
CA TYR C 203 -4.96 -9.43 27.57
C TYR C 203 -4.05 -10.33 26.76
N LEU C 204 -4.63 -11.03 25.79
CA LEU C 204 -3.87 -12.01 25.00
C LEU C 204 -3.35 -11.38 23.72
N SER C 205 -2.04 -11.11 23.69
CA SER C 205 -1.40 -10.57 22.50
C SER C 205 -0.12 -11.34 22.22
N PRO C 206 0.25 -11.48 20.94
CA PRO C 206 1.43 -12.25 20.54
C PRO C 206 2.72 -11.70 21.11
N SER C 207 3.68 -12.59 21.39
CA SER C 207 4.99 -12.18 21.89
C SER C 207 5.92 -11.89 20.72
N PHE C 208 6.43 -10.67 20.66
CA PHE C 208 7.28 -10.25 19.54
C PHE C 208 8.74 -10.05 19.93
N ASP C 209 9.35 -11.08 20.53
CA ASP C 209 10.73 -10.99 20.96
C ASP C 209 11.72 -11.27 19.82
N SER C 210 11.88 -12.55 19.50
CA SER C 210 12.84 -12.97 18.48
C SER C 210 12.15 -13.48 17.22
N VAL C 211 10.98 -12.93 16.91
CA VAL C 211 10.23 -13.37 15.73
C VAL C 211 10.44 -12.41 14.56
N LEU C 212 10.98 -12.94 13.46
CA LEU C 212 11.23 -12.20 12.23
C LEU C 212 11.86 -10.82 12.46
N PRO C 213 13.04 -10.78 13.11
CA PRO C 213 13.64 -9.49 13.51
C PRO C 213 14.04 -8.61 12.32
N ARG C 214 14.24 -9.21 11.16
CA ARG C 214 14.63 -8.47 9.98
C ARG C 214 13.40 -8.03 9.18
N TYR C 215 12.26 -8.61 9.49
CA TYR C 215 11.04 -8.36 8.72
C TYR C 215 10.03 -7.49 9.48
N LEU C 216 10.04 -7.57 10.81
CA LEU C 216 9.05 -6.88 11.62
C LEU C 216 9.60 -5.64 12.33
N PHE C 217 8.68 -4.84 12.84
CA PHE C 217 9.01 -3.79 13.80
C PHE C 217 7.73 -3.40 14.53
N LEU C 218 7.65 -3.75 15.81
CA LEU C 218 6.50 -3.40 16.62
C LEU C 218 6.41 -1.89 16.75
N GLN C 219 5.32 -1.33 16.26
CA GLN C 219 5.18 0.12 16.16
C GLN C 219 3.72 0.54 16.21
N ASN C 220 3.41 1.51 17.07
CA ASN C 220 2.06 2.02 17.18
C ASN C 220 1.58 2.62 15.87
N LEU C 221 0.28 2.50 15.60
CA LEU C 221 -0.29 2.92 14.31
C LEU C 221 0.01 4.39 13.95
N PRO C 222 -0.18 5.34 14.89
CA PRO C 222 0.16 6.71 14.52
C PRO C 222 1.65 6.91 14.26
N SER C 223 2.50 6.22 15.00
CA SER C 223 3.94 6.30 14.79
C SER C 223 4.33 5.85 13.39
N ALA C 224 3.70 4.78 12.93
CA ALA C 224 3.92 4.30 11.57
C ALA C 224 3.30 5.27 10.57
N LEU C 225 2.25 5.97 11.00
CA LEU C 225 1.56 6.92 10.14
C LEU C 225 2.44 8.14 9.85
N VAL C 226 3.20 8.57 10.85
CA VAL C 226 4.03 9.77 10.73
C VAL C 226 4.94 9.74 9.51
N SER C 227 5.65 8.61 9.33
CA SER C 227 6.56 8.48 8.21
C SER C 227 5.85 8.56 6.86
N HIS C 228 4.60 8.08 6.84
CA HIS C 228 3.78 8.17 5.63
C HIS C 228 3.37 9.61 5.36
N VAL C 229 3.02 10.32 6.43
CA VAL C 229 2.59 11.72 6.34
C VAL C 229 3.75 12.59 5.85
N LEU C 230 4.94 12.32 6.36
CA LEU C 230 6.14 13.04 5.92
C LEU C 230 6.37 12.85 4.42
N ASN C 231 6.02 11.67 3.93
CA ASN C 231 6.09 11.35 2.51
C ASN C 231 7.48 11.57 1.91
N PRO C 232 8.47 10.78 2.36
CA PRO C 232 9.82 10.95 1.81
C PRO C 232 9.95 10.35 0.41
N GLN C 233 10.62 11.06 -0.49
CA GLN C 233 10.87 10.56 -1.83
C GLN C 233 12.26 9.95 -1.93
N PRO C 234 12.41 8.90 -2.75
CA PRO C 234 13.72 8.27 -2.96
C PRO C 234 14.75 9.26 -3.50
N GLY C 235 15.86 9.40 -2.79
CA GLY C 235 16.92 10.29 -3.23
C GLY C 235 16.97 11.62 -2.50
N GLU C 236 15.97 11.87 -1.65
CA GLU C 236 15.91 13.12 -0.90
C GLU C 236 16.84 13.09 0.30
N LYS C 237 16.97 14.23 0.97
CA LYS C 237 17.73 14.30 2.21
C LYS C 237 16.78 14.57 3.37
N ILE C 238 16.68 13.58 4.25
CA ILE C 238 15.77 13.66 5.38
C ILE C 238 16.54 13.66 6.69
N LEU C 239 16.04 14.38 7.69
CA LEU C 239 16.64 14.36 9.02
C LEU C 239 15.59 14.41 10.10
N ASP C 240 15.66 13.44 11.02
CA ASP C 240 14.87 13.52 12.25
C ASP C 240 15.77 13.79 13.44
N LEU C 241 15.55 14.94 14.07
CA LEU C 241 16.36 15.40 15.19
C LEU C 241 16.38 14.38 16.33
N CYS C 242 15.19 13.92 16.71
CA CYS C 242 15.05 12.93 17.76
C CYS C 242 14.62 11.61 17.16
N ALA C 243 15.54 10.65 17.08
CA ALA C 243 15.36 9.48 16.23
C ALA C 243 15.33 8.15 16.98
N ALA C 244 16.14 8.04 18.04
CA ALA C 244 16.30 6.77 18.74
C ALA C 244 14.99 6.24 19.33
N PRO C 245 14.79 4.90 19.26
CA PRO C 245 15.71 3.89 18.71
C PRO C 245 15.60 3.70 17.19
N GLY C 246 15.01 4.65 16.49
CA GLY C 246 14.95 4.61 15.04
C GLY C 246 13.84 3.79 14.43
N GLY C 247 12.62 3.97 14.91
CA GLY C 247 11.46 3.34 14.29
C GLY C 247 11.05 4.12 13.06
N LYS C 248 10.74 5.40 13.28
CA LYS C 248 10.36 6.29 12.19
C LYS C 248 11.52 6.52 11.23
N THR C 249 12.75 6.40 11.74
CA THR C 249 13.94 6.55 10.92
C THR C 249 14.03 5.42 9.89
N THR C 250 14.04 4.19 10.39
CA THR C 250 14.10 3.02 9.53
C THR C 250 12.88 2.94 8.61
N HIS C 251 11.73 3.42 9.10
CA HIS C 251 10.54 3.46 8.27
C HIS C 251 10.73 4.42 7.10
N ILE C 252 11.23 5.62 7.40
CA ILE C 252 11.54 6.62 6.40
C ILE C 252 12.50 6.06 5.35
N ALA C 253 13.53 5.36 5.83
CA ALA C 253 14.51 4.75 4.93
C ALA C 253 13.85 3.69 4.04
N ALA C 254 12.92 2.93 4.61
CA ALA C 254 12.25 1.86 3.86
C ALA C 254 11.30 2.43 2.82
N LEU C 255 10.72 3.59 3.10
CA LEU C 255 9.80 4.23 2.16
C LEU C 255 10.56 4.79 0.96
N MET C 256 11.83 5.10 1.16
CA MET C 256 12.68 5.65 0.11
C MET C 256 13.39 4.55 -0.66
N HIS C 257 13.02 3.31 -0.37
CA HIS C 257 13.67 2.14 -0.94
C HIS C 257 15.17 2.12 -0.67
N ASP C 258 15.56 2.74 0.44
CA ASP C 258 16.95 2.85 0.87
C ASP C 258 17.80 3.64 -0.15
N GLN C 259 17.13 4.46 -0.95
CA GLN C 259 17.81 5.28 -1.93
C GLN C 259 17.72 6.76 -1.55
N GLY C 260 18.79 7.27 -0.97
CA GLY C 260 18.84 8.65 -0.56
C GLY C 260 19.75 8.85 0.64
N GLU C 261 19.35 9.73 1.55
CA GLU C 261 20.17 10.03 2.72
C GLU C 261 19.31 10.37 3.93
N VAL C 262 19.39 9.54 4.96
CA VAL C 262 18.63 9.76 6.19
C VAL C 262 19.57 9.98 7.37
N ILE C 263 19.61 11.22 7.85
CA ILE C 263 20.48 11.55 8.98
C ILE C 263 19.69 11.55 10.28
N ALA C 264 20.07 10.67 11.21
CA ALA C 264 19.36 10.51 12.46
C ALA C 264 20.20 10.97 13.64
N LEU C 265 19.68 11.90 14.43
CA LEU C 265 20.42 12.42 15.57
C LEU C 265 19.83 11.93 16.89
N ASP C 266 20.64 11.92 17.94
CA ASP C 266 20.13 11.71 19.29
C ASP C 266 21.13 12.20 20.34
N LYS C 267 20.63 12.54 21.52
CA LYS C 267 21.46 13.13 22.56
C LYS C 267 22.21 12.08 23.37
N ILE C 268 21.60 10.91 23.52
CA ILE C 268 22.19 9.81 24.30
C ILE C 268 22.89 8.80 23.39
N PHE C 269 24.11 8.40 23.77
CA PHE C 269 24.95 7.54 22.95
C PHE C 269 24.35 6.15 22.69
N ASN C 270 24.07 5.42 23.77
CA ASN C 270 23.53 4.07 23.68
C ASN C 270 22.31 4.00 22.77
N LYS C 271 21.49 5.04 22.84
CA LYS C 271 20.32 5.17 22.00
C LYS C 271 20.70 5.22 20.52
N VAL C 272 21.72 6.01 20.20
CA VAL C 272 22.23 6.11 18.84
C VAL C 272 22.72 4.75 18.37
N GLU C 273 23.42 4.05 19.26
CA GLU C 273 23.87 2.70 18.95
C GLU C 273 22.69 1.79 18.64
N LYS C 274 21.57 1.99 19.34
CA LYS C 274 20.37 1.20 19.06
C LYS C 274 19.81 1.54 17.68
N ILE C 275 19.88 2.82 17.31
CA ILE C 275 19.51 3.22 15.96
C ILE C 275 20.32 2.46 14.91
N LYS C 276 21.64 2.53 15.04
CA LYS C 276 22.55 1.87 14.11
C LYS C 276 22.29 0.37 14.04
N GLN C 277 22.09 -0.25 15.19
CA GLN C 277 21.80 -1.68 15.27
C GLN C 277 20.51 -2.03 14.53
N ASN C 278 19.49 -1.21 14.72
CA ASN C 278 18.22 -1.42 14.03
C ASN C 278 18.36 -1.28 12.52
N ALA C 279 19.03 -0.21 12.09
CA ALA C 279 19.25 0.03 10.66
C ALA C 279 20.01 -1.12 10.01
N LEU C 280 21.03 -1.60 10.70
CA LEU C 280 21.84 -2.72 10.20
C LEU C 280 21.00 -4.00 10.16
N LEU C 281 20.13 -4.14 11.15
CA LEU C 281 19.29 -5.34 11.26
C LEU C 281 18.29 -5.41 10.11
N LEU C 282 17.60 -4.32 9.86
CA LEU C 282 16.53 -4.28 8.86
C LEU C 282 17.05 -4.14 7.44
N GLY C 283 18.35 -3.86 7.31
CA GLY C 283 18.98 -3.81 6.00
C GLY C 283 18.98 -2.44 5.34
N LEU C 284 18.78 -1.39 6.13
CA LEU C 284 18.81 -0.03 5.59
C LEU C 284 20.23 0.53 5.67
N ASN C 285 20.71 1.05 4.56
CA ASN C 285 22.08 1.57 4.48
C ASN C 285 22.12 3.09 4.36
N SER C 286 20.98 3.70 4.02
CA SER C 286 20.92 5.14 3.84
C SER C 286 20.79 5.87 5.17
N ILE C 287 20.87 5.12 6.27
CA ILE C 287 20.74 5.68 7.60
C ILE C 287 22.10 5.96 8.23
N ARG C 288 22.32 7.21 8.61
CA ARG C 288 23.54 7.60 9.30
C ARG C 288 23.21 8.28 10.62
N ALA C 289 23.59 7.65 11.73
CA ALA C 289 23.21 8.11 13.05
C ALA C 289 24.36 8.80 13.79
N PHE C 290 24.03 9.86 14.52
CA PHE C 290 25.02 10.62 15.26
C PHE C 290 24.51 10.99 16.66
N CYS C 291 25.42 10.97 17.63
CA CYS C 291 25.13 11.42 18.98
C CYS C 291 25.37 12.92 19.06
N PHE C 292 24.28 13.69 19.09
CA PHE C 292 24.39 15.14 18.98
C PHE C 292 23.16 15.86 19.53
N ASP C 293 23.38 17.04 20.08
CA ASP C 293 22.30 17.86 20.62
C ASP C 293 21.55 18.56 19.49
N GLY C 294 20.27 18.21 19.33
CA GLY C 294 19.45 18.76 18.27
C GLY C 294 19.26 20.26 18.34
N THR C 295 19.28 20.79 19.57
CA THR C 295 19.08 22.23 19.78
C THR C 295 20.28 23.03 19.27
N LYS C 296 21.43 22.36 19.14
CA LYS C 296 22.66 23.00 18.70
C LYS C 296 23.13 22.41 17.37
N ALA C 297 22.17 22.09 16.49
CA ALA C 297 22.48 21.38 15.26
C ALA C 297 22.67 22.32 14.08
N VAL C 298 22.56 23.61 14.31
CA VAL C 298 22.74 24.58 13.24
C VAL C 298 24.17 25.13 13.24
N LYS C 299 24.83 25.03 12.09
CA LYS C 299 26.20 25.49 11.91
C LYS C 299 26.35 26.98 12.20
N LEU C 300 27.32 27.33 13.03
CA LEU C 300 27.55 28.73 13.38
C LEU C 300 29.01 29.14 13.20
N ASP C 301 29.94 28.32 13.66
CA ASP C 301 31.36 28.64 13.55
C ASP C 301 31.89 28.30 12.15
N MET C 302 33.22 28.25 12.03
CA MET C 302 33.85 28.18 10.72
C MET C 302 34.72 26.94 10.54
N VAL C 303 34.10 25.78 10.40
CA VAL C 303 34.84 24.53 10.15
C VAL C 303 34.19 23.75 9.00
N GLU C 309 29.08 15.19 8.82
CA GLU C 309 28.70 15.13 10.21
C GLU C 309 28.06 16.43 10.70
N PRO C 310 27.27 16.37 11.78
CA PRO C 310 26.68 17.56 12.40
C PRO C 310 27.73 18.45 13.06
N PRO C 311 27.43 19.76 13.22
CA PRO C 311 26.19 20.42 12.83
C PRO C 311 26.08 20.63 11.33
N PHE C 312 24.90 21.01 10.86
CA PHE C 312 24.65 21.17 9.43
C PHE C 312 24.34 22.61 9.07
N LEU C 313 24.64 22.98 7.83
CA LEU C 313 24.31 24.31 7.32
C LEU C 313 22.80 24.48 7.25
N PRO C 314 22.31 25.71 7.49
CA PRO C 314 20.87 26.00 7.38
C PRO C 314 20.34 25.76 5.97
N GLU C 315 19.08 25.37 5.85
CA GLU C 315 18.45 25.08 4.56
C GLU C 315 19.24 24.06 3.74
N SER C 316 19.50 22.90 4.34
CA SER C 316 20.30 21.88 3.67
C SER C 316 19.59 20.52 3.63
N PHE C 317 18.37 20.47 4.15
CA PHE C 317 17.62 19.22 4.19
C PHE C 317 16.30 19.33 3.45
N ASP C 318 15.98 18.29 2.70
CA ASP C 318 14.73 18.24 1.94
C ASP C 318 13.54 18.10 2.87
N ARG C 319 13.64 17.19 3.84
CA ARG C 319 12.55 17.00 4.80
C ARG C 319 13.08 16.80 6.22
N ILE C 320 12.31 17.30 7.20
CA ILE C 320 12.71 17.20 8.60
C ILE C 320 11.57 16.70 9.49
N LEU C 321 11.87 15.67 10.28
CA LEU C 321 10.92 15.08 11.22
C LEU C 321 11.27 15.38 12.67
N LEU C 322 10.49 16.24 13.31
CA LEU C 322 10.65 16.47 14.74
C LEU C 322 9.69 15.58 15.53
N ASP C 323 10.15 14.37 15.84
CA ASP C 323 9.42 13.49 16.75
C ASP C 323 9.83 13.86 18.17
N ALA C 324 9.50 15.10 18.55
CA ALA C 324 9.98 15.72 19.79
C ALA C 324 9.69 14.89 21.03
N PRO C 325 10.61 14.93 22.01
CA PRO C 325 10.39 14.29 23.31
C PRO C 325 9.22 14.96 24.01
N CYS C 326 8.44 14.18 24.76
CA CYS C 326 7.22 14.71 25.35
C CYS C 326 6.89 14.05 26.68
N SER C 327 5.81 14.52 27.30
CA SER C 327 5.35 14.01 28.58
C SER C 327 4.91 12.55 28.48
N GLY C 328 4.50 12.15 27.28
CA GLY C 328 4.10 10.78 27.03
C GLY C 328 2.81 10.39 27.73
N MET C 329 1.93 11.37 27.92
CA MET C 329 0.66 11.14 28.61
C MET C 329 -0.26 10.26 27.79
N GLY C 330 -0.06 10.24 26.48
CA GLY C 330 -0.88 9.45 25.58
C GLY C 330 -0.49 7.99 25.53
N GLN C 331 0.49 7.59 26.34
CA GLN C 331 0.94 6.21 26.38
C GLN C 331 -0.15 5.28 26.91
N ARG C 332 -0.30 4.12 26.26
CA ARG C 332 -1.26 3.11 26.70
C ARG C 332 -0.65 1.71 26.60
N PRO C 333 -0.79 0.90 27.66
CA PRO C 333 -1.52 1.26 28.88
C PRO C 333 -0.65 2.00 29.89
N ASN C 334 -1.21 3.04 30.49
CA ASN C 334 -0.54 3.82 31.51
C ASN C 334 -1.39 3.92 32.76
N MET C 335 -1.19 2.99 33.70
CA MET C 335 -2.07 2.86 34.85
C MET C 335 -1.75 3.85 35.97
N ALA C 336 -0.56 4.44 35.95
CA ALA C 336 -0.17 5.42 36.96
C ALA C 336 0.98 6.30 36.48
N CYS C 337 0.99 7.55 36.94
CA CYS C 337 2.05 8.49 36.59
C CYS C 337 2.39 9.38 37.78
N THR C 338 3.49 9.06 38.46
CA THR C 338 3.91 9.79 39.65
C THR C 338 4.82 10.97 39.33
N TRP C 339 4.41 11.81 38.38
CA TRP C 339 5.20 12.95 37.96
C TRP C 339 4.75 14.25 38.61
N SER C 340 5.69 15.18 38.78
CA SER C 340 5.36 16.53 39.21
C SER C 340 4.78 17.30 38.02
N VAL C 341 4.01 18.35 38.31
CA VAL C 341 3.46 19.20 37.27
C VAL C 341 4.59 19.93 36.55
N LYS C 342 5.59 20.35 37.31
CA LYS C 342 6.77 20.99 36.74
C LYS C 342 7.45 20.07 35.75
N GLU C 343 7.42 18.77 36.03
CA GLU C 343 8.00 17.77 35.13
C GLU C 343 7.15 17.61 33.87
N VAL C 344 5.84 17.63 34.04
CA VAL C 344 4.92 17.44 32.93
C VAL C 344 4.97 18.61 31.95
N ALA C 345 5.08 19.83 32.48
CA ALA C 345 5.09 21.03 31.64
C ALA C 345 6.50 21.46 31.28
N SER C 346 7.46 20.57 31.49
CA SER C 346 8.87 20.88 31.29
C SER C 346 9.35 20.63 29.86
N TYR C 347 8.42 20.44 28.93
CA TYR C 347 8.79 20.00 27.59
C TYR C 347 8.63 21.06 26.51
N GLN C 348 7.69 21.99 26.71
CA GLN C 348 7.41 23.03 25.72
C GLN C 348 8.65 23.82 25.26
N PRO C 349 9.50 24.28 26.21
CA PRO C 349 10.68 25.03 25.75
C PRO C 349 11.63 24.20 24.88
N LEU C 350 11.92 22.98 25.30
CA LEU C 350 12.83 22.11 24.56
C LEU C 350 12.27 21.82 23.16
N GLN C 351 10.97 21.55 23.11
CA GLN C 351 10.28 21.33 21.85
C GLN C 351 10.40 22.55 20.94
N ARG C 352 10.30 23.74 21.52
CA ARG C 352 10.41 24.96 20.74
C ARG C 352 11.83 25.19 20.23
N LYS C 353 12.82 24.86 21.04
CA LYS C 353 14.22 24.96 20.63
C LYS C 353 14.50 24.02 19.46
N LEU C 354 14.13 22.76 19.62
CA LEU C 354 14.28 21.76 18.56
C LEU C 354 13.53 22.18 17.31
N PHE C 355 12.37 22.79 17.49
CA PHE C 355 11.56 23.26 16.37
C PHE C 355 12.27 24.35 15.59
N THR C 356 12.79 25.35 16.31
CA THR C 356 13.55 26.43 15.70
C THR C 356 14.73 25.88 14.91
N ALA C 357 15.50 24.99 15.55
CA ALA C 357 16.64 24.35 14.91
C ALA C 357 16.21 23.59 13.65
N ALA C 358 15.02 23.02 13.69
CA ALA C 358 14.48 22.30 12.54
C ALA C 358 14.13 23.24 11.39
N VAL C 359 13.44 24.34 11.71
CA VAL C 359 13.03 25.31 10.70
C VAL C 359 14.25 25.93 10.02
N GLN C 360 15.27 26.24 10.81
CA GLN C 360 16.50 26.79 10.25
C GLN C 360 17.18 25.79 9.30
N LEU C 361 17.05 24.51 9.61
CA LEU C 361 17.72 23.46 8.85
C LEU C 361 16.90 22.96 7.65
N LEU C 362 15.81 23.65 7.36
CA LEU C 362 14.89 23.19 6.33
C LEU C 362 14.98 24.00 5.04
N LYS C 363 15.16 23.30 3.92
CA LYS C 363 15.15 23.94 2.60
C LYS C 363 13.79 24.58 2.30
N PRO C 364 13.76 25.59 1.43
CA PRO C 364 12.49 26.14 0.95
C PRO C 364 11.67 25.08 0.23
N GLU C 365 10.34 25.19 0.31
CA GLU C 365 9.42 24.19 -0.23
C GLU C 365 9.65 22.81 0.40
N GLY C 366 10.26 22.80 1.58
CA GLY C 366 10.52 21.57 2.29
C GLY C 366 9.39 21.21 3.24
N VAL C 367 9.40 19.99 3.74
CA VAL C 367 8.34 19.52 4.62
C VAL C 367 8.87 19.27 6.03
N LEU C 368 8.18 19.83 7.01
CA LEU C 368 8.52 19.63 8.42
C LEU C 368 7.37 18.98 9.15
N VAL C 369 7.58 17.75 9.62
CA VAL C 369 6.54 17.06 10.37
C VAL C 369 6.84 17.05 11.86
N TYR C 370 6.00 17.73 12.63
CA TYR C 370 6.14 17.77 14.08
C TYR C 370 5.16 16.78 14.71
N SER C 371 5.67 15.87 15.54
CA SER C 371 4.81 14.86 16.12
C SER C 371 5.17 14.50 17.57
N THR C 372 4.14 14.38 18.40
CA THR C 372 4.31 13.97 19.79
C THR C 372 3.42 12.78 20.11
N CYS C 373 3.64 12.14 21.26
CA CYS C 373 2.76 11.07 21.71
C CYS C 373 2.03 11.48 22.98
N THR C 374 1.90 12.79 23.19
CA THR C 374 1.20 13.31 24.36
C THR C 374 -0.14 13.92 23.96
N ILE C 375 -0.95 14.27 24.95
CA ILE C 375 -2.30 14.75 24.72
C ILE C 375 -2.48 16.22 25.11
N THR C 376 -1.49 16.78 25.82
CA THR C 376 -1.57 18.15 26.31
C THR C 376 -1.66 19.16 25.18
N LEU C 377 -2.35 20.27 25.44
CA LEU C 377 -2.46 21.36 24.48
C LEU C 377 -1.14 22.11 24.32
N ALA C 378 -0.44 22.30 25.43
CA ALA C 378 0.76 23.11 25.47
C ALA C 378 1.89 22.50 24.62
N GLU C 379 1.79 21.20 24.35
CA GLU C 379 2.82 20.50 23.60
C GLU C 379 2.37 20.19 22.18
N ASN C 380 1.11 20.45 21.88
CA ASN C 380 0.56 20.15 20.56
C ASN C 380 0.08 21.40 19.82
N GLU C 381 -1.23 21.63 19.85
CA GLU C 381 -1.84 22.75 19.12
C GLU C 381 -1.21 24.11 19.45
N GLU C 382 -0.86 24.30 20.71
CA GLU C 382 -0.22 25.54 21.15
C GLU C 382 1.12 25.74 20.45
N GLN C 383 1.84 24.64 20.26
CA GLN C 383 3.12 24.69 19.58
C GLN C 383 2.94 24.97 18.10
N VAL C 384 1.80 24.53 17.56
CA VAL C 384 1.49 24.78 16.16
C VAL C 384 1.20 26.27 15.96
N ALA C 385 0.40 26.84 16.86
CA ALA C 385 0.11 28.27 16.83
C ALA C 385 1.38 29.09 16.98
N TRP C 386 2.18 28.74 17.98
CA TRP C 386 3.46 29.41 18.23
C TRP C 386 4.37 29.34 17.00
N ALA C 387 4.40 28.18 16.36
CA ALA C 387 5.23 27.98 15.18
C ALA C 387 4.75 28.83 14.01
N LEU C 388 3.43 28.89 13.85
CA LEU C 388 2.83 29.65 12.77
C LEU C 388 2.98 31.16 12.98
N THR C 389 3.15 31.56 14.24
CA THR C 389 3.36 32.97 14.55
C THR C 389 4.83 33.37 14.39
N LYS C 390 5.71 32.67 15.10
CA LYS C 390 7.13 33.00 15.10
C LYS C 390 7.74 32.81 13.71
N PHE C 391 7.38 31.70 13.05
CA PHE C 391 7.84 31.45 11.70
C PHE C 391 6.70 31.67 10.70
N PRO C 392 6.75 32.79 9.97
CA PRO C 392 5.71 33.11 8.98
C PRO C 392 5.96 32.46 7.62
N CYS C 393 7.17 31.93 7.42
CA CYS C 393 7.50 31.23 6.19
C CYS C 393 6.86 29.84 6.19
N LEU C 394 6.69 29.27 7.38
CA LEU C 394 5.98 28.01 7.54
C LEU C 394 4.50 28.18 7.23
N GLN C 395 3.86 27.12 6.74
CA GLN C 395 2.44 27.13 6.48
C GLN C 395 1.86 25.74 6.68
N LEU C 396 0.78 25.66 7.47
CA LEU C 396 0.18 24.38 7.82
C LEU C 396 -0.38 23.67 6.59
N GLN C 397 -0.04 22.39 6.44
CA GLN C 397 -0.45 21.60 5.29
C GLN C 397 -1.40 20.47 5.66
N PRO C 398 -2.29 20.09 4.73
CA PRO C 398 -3.12 18.89 4.92
C PRO C 398 -2.26 17.63 4.87
N GLN C 399 -2.75 16.53 5.43
CA GLN C 399 -1.96 15.31 5.50
C GLN C 399 -2.60 14.13 4.79
N GLU C 400 -1.75 13.20 4.35
CA GLU C 400 -2.20 11.94 3.80
C GLU C 400 -1.28 10.81 4.28
N PRO C 401 -1.88 9.73 4.82
CA PRO C 401 -3.32 9.56 4.97
C PRO C 401 -3.90 10.28 6.20
N GLN C 402 -5.16 10.72 6.08
CA GLN C 402 -5.88 11.29 7.22
C GLN C 402 -6.60 10.18 7.96
N ILE C 403 -6.19 9.93 9.20
CA ILE C 403 -6.73 8.82 9.97
C ILE C 403 -7.29 9.27 11.32
N GLY C 404 -6.50 10.04 12.06
CA GLY C 404 -6.90 10.47 13.38
C GLY C 404 -7.90 11.60 13.34
N GLY C 405 -8.35 12.04 14.52
CA GLY C 405 -9.30 13.14 14.61
C GLY C 405 -8.65 14.48 14.33
N GLU C 406 -9.46 15.53 14.30
CA GLU C 406 -8.94 16.87 14.08
C GLU C 406 -8.40 17.46 15.38
N GLY C 407 -7.72 18.60 15.27
CA GLY C 407 -7.10 19.23 16.42
C GLY C 407 -8.09 19.67 17.49
N MET C 408 -7.58 19.84 18.70
CA MET C 408 -8.41 20.24 19.84
C MET C 408 -8.47 21.75 19.96
N ARG C 409 -9.68 22.28 20.18
CA ARG C 409 -9.86 23.72 20.35
C ARG C 409 -9.18 24.22 21.62
N GLY C 410 -8.62 25.42 21.56
CA GLY C 410 -8.00 26.02 22.73
C GLY C 410 -6.75 26.83 22.44
N ALA C 411 -6.10 26.55 21.32
CA ALA C 411 -4.86 27.24 20.97
C ALA C 411 -5.14 28.47 20.13
N GLY C 412 -6.39 28.68 19.77
CA GLY C 412 -6.79 29.85 19.00
C GLY C 412 -6.69 29.64 17.50
N LEU C 413 -6.57 28.39 17.08
CA LEU C 413 -6.53 28.07 15.66
C LEU C 413 -7.94 28.04 15.08
N SER C 414 -8.04 28.17 13.76
CA SER C 414 -9.33 28.13 13.08
C SER C 414 -9.73 26.69 12.81
N CYS C 415 -11.01 26.47 12.54
CA CYS C 415 -11.50 25.13 12.24
C CYS C 415 -10.80 24.55 11.04
N GLU C 416 -10.53 25.39 10.04
CA GLU C 416 -9.79 24.98 8.85
C GLU C 416 -8.38 24.53 9.22
N GLN C 417 -7.79 25.20 10.21
CA GLN C 417 -6.46 24.84 10.69
C GLN C 417 -6.48 23.54 11.48
N LEU C 418 -7.52 23.36 12.29
CA LEU C 418 -7.66 22.17 13.11
C LEU C 418 -7.94 20.93 12.28
N LYS C 419 -8.63 21.10 11.16
CA LYS C 419 -8.92 19.97 10.28
C LYS C 419 -7.66 19.45 9.58
N GLN C 420 -6.59 20.23 9.61
CA GLN C 420 -5.34 19.83 8.99
C GLN C 420 -4.38 19.17 9.99
N LEU C 421 -4.77 19.14 11.26
CA LEU C 421 -3.99 18.46 12.28
C LEU C 421 -4.49 17.04 12.46
N GLN C 422 -3.63 16.16 12.98
CA GLN C 422 -4.06 14.80 13.29
C GLN C 422 -3.86 14.47 14.76
N ARG C 423 -4.94 14.53 15.53
CA ARG C 423 -4.89 14.21 16.95
C ARG C 423 -5.63 12.90 17.22
N PHE C 424 -4.92 11.95 17.80
CA PHE C 424 -5.52 10.66 18.16
C PHE C 424 -6.05 10.70 19.59
N ASP C 425 -7.33 10.38 19.73
CA ASP C 425 -7.99 10.43 21.02
C ASP C 425 -8.35 9.03 21.53
N PRO C 426 -7.78 8.64 22.68
CA PRO C 426 -8.09 7.35 23.31
C PRO C 426 -9.55 7.23 23.72
N SER C 427 -10.22 8.35 23.94
CA SER C 427 -11.61 8.36 24.37
C SER C 427 -12.58 8.50 23.19
N ALA C 428 -12.09 8.22 21.99
CA ALA C 428 -12.89 8.34 20.78
C ALA C 428 -14.00 7.30 20.74
N VAL C 429 -13.64 6.04 20.96
CA VAL C 429 -14.60 4.95 20.92
C VAL C 429 -14.55 4.14 22.22
N PRO C 430 -15.66 3.49 22.57
CA PRO C 430 -15.73 2.66 23.79
C PRO C 430 -14.71 1.51 23.78
N LEU C 431 -14.28 1.08 24.97
CA LEU C 431 -13.32 0.00 25.10
C LEU C 431 -13.94 -1.34 24.72
N PRO C 432 -13.43 -1.96 23.64
CA PRO C 432 -13.96 -3.23 23.15
C PRO C 432 -13.42 -4.44 23.93
N ASP C 433 -14.31 -5.14 24.62
CA ASP C 433 -13.92 -6.34 25.36
C ASP C 433 -13.99 -7.55 24.44
N THR C 434 -12.98 -7.68 23.58
CA THR C 434 -12.95 -8.72 22.57
C THR C 434 -12.78 -10.13 23.13
N ASP C 435 -13.63 -11.04 22.69
CA ASP C 435 -13.44 -12.46 22.89
C ASP C 435 -13.69 -13.16 21.54
N MET C 436 -13.41 -14.46 21.48
CA MET C 436 -13.51 -15.20 20.22
C MET C 436 -14.88 -15.07 19.57
N ASP C 437 -15.93 -15.05 20.39
CA ASP C 437 -17.30 -14.86 19.90
C ASP C 437 -17.45 -13.49 19.27
N SER C 438 -16.77 -12.50 19.85
CA SER C 438 -16.78 -11.15 19.29
C SER C 438 -15.97 -11.10 18.01
N LEU C 439 -14.90 -11.90 17.95
CA LEU C 439 -14.06 -11.99 16.76
C LEU C 439 -14.85 -12.53 15.57
N ARG C 440 -15.53 -13.65 15.79
CA ARG C 440 -16.26 -14.32 14.71
C ARG C 440 -17.35 -13.44 14.10
N GLU C 441 -18.09 -12.74 14.96
CA GLU C 441 -19.20 -11.91 14.50
C GLU C 441 -18.81 -10.44 14.37
N ALA C 442 -17.63 -10.18 13.80
CA ALA C 442 -17.13 -8.81 13.68
C ALA C 442 -16.98 -8.37 12.23
N ARG C 443 -17.65 -7.27 11.88
CA ARG C 443 -17.49 -6.66 10.57
C ARG C 443 -16.08 -6.09 10.45
N ARG C 444 -15.50 -6.20 9.26
CA ARG C 444 -14.12 -5.76 9.05
C ARG C 444 -13.94 -4.25 9.21
N GLU C 445 -14.90 -3.47 8.70
CA GLU C 445 -14.80 -2.02 8.79
C GLU C 445 -14.85 -1.56 10.24
N ASP C 446 -15.50 -2.35 11.09
CA ASP C 446 -15.60 -2.05 12.50
C ASP C 446 -14.24 -2.25 13.15
N MET C 447 -13.57 -3.33 12.76
CA MET C 447 -12.23 -3.61 13.23
C MET C 447 -11.25 -2.52 12.79
N LEU C 448 -11.35 -2.09 11.54
CA LEU C 448 -10.45 -1.06 11.02
C LEU C 448 -10.67 0.27 11.74
N ARG C 449 -11.93 0.66 11.91
CA ARG C 449 -12.25 1.88 12.64
C ARG C 449 -11.74 1.76 14.08
N LEU C 450 -11.83 0.56 14.64
CA LEU C 450 -11.34 0.30 15.99
C LEU C 450 -9.83 0.51 16.08
N ALA C 451 -9.11 0.01 15.09
CA ALA C 451 -7.66 0.12 15.06
C ALA C 451 -7.24 1.57 14.86
N ASN C 452 -8.04 2.32 14.10
CA ASN C 452 -7.74 3.72 13.84
C ASN C 452 -8.06 4.63 15.03
N LYS C 453 -9.03 4.23 15.84
CA LYS C 453 -9.51 5.09 16.92
C LYS C 453 -8.96 4.70 18.29
N ASP C 454 -9.10 3.43 18.67
CA ASP C 454 -8.59 2.96 19.96
C ASP C 454 -7.08 2.77 19.93
N SER C 455 -6.36 3.88 19.93
CA SER C 455 -4.90 3.84 19.90
C SER C 455 -4.33 4.71 21.00
N ILE C 456 -3.00 4.85 21.01
CA ILE C 456 -2.34 5.69 22.00
C ILE C 456 -2.62 7.16 21.69
N GLY C 457 -2.28 8.04 22.63
CA GLY C 457 -2.40 9.46 22.40
C GLY C 457 -1.28 9.89 21.48
N PHE C 458 -1.61 10.63 20.43
CA PHE C 458 -0.62 11.04 19.46
C PHE C 458 -1.05 12.32 18.75
N PHE C 459 -0.07 13.05 18.22
CA PHE C 459 -0.33 14.32 17.56
C PHE C 459 0.62 14.53 16.40
N ILE C 460 0.07 14.80 15.22
CA ILE C 460 0.84 15.04 14.02
C ILE C 460 0.46 16.37 13.36
N ALA C 461 1.47 17.18 13.06
CA ALA C 461 1.29 18.45 12.37
C ALA C 461 2.27 18.55 11.20
N LYS C 462 1.79 19.04 10.07
CA LYS C 462 2.60 19.10 8.84
C LYS C 462 2.79 20.54 8.38
N PHE C 463 4.05 20.89 8.06
CA PHE C 463 4.40 22.24 7.65
C PHE C 463 5.17 22.26 6.33
N VAL C 464 5.04 23.36 5.59
CA VAL C 464 5.83 23.57 4.38
C VAL C 464 6.49 24.95 4.43
N LYS C 465 7.69 25.06 3.87
CA LYS C 465 8.44 26.30 3.88
C LYS C 465 8.30 27.02 2.53
N CYS C 466 8.55 28.33 2.54
CA CYS C 466 8.42 29.13 1.32
C CYS C 466 9.76 29.72 0.90
N SER D 2 -23.76 0.16 -24.73
CA SER D 2 -24.25 1.52 -24.79
C SER D 2 -24.14 2.10 -26.21
N ILE D 3 -23.05 2.79 -26.48
CA ILE D 3 -22.91 3.56 -27.71
C ILE D 3 -22.42 2.71 -28.90
N PHE D 4 -21.50 1.78 -28.64
CA PHE D 4 -20.92 0.97 -29.71
C PHE D 4 -21.64 -0.36 -29.86
N PRO D 5 -21.59 -0.94 -31.07
CA PRO D 5 -22.16 -2.27 -31.32
C PRO D 5 -21.28 -3.38 -30.76
N LYS D 6 -21.65 -4.63 -31.00
CA LYS D 6 -20.83 -5.76 -30.57
C LYS D 6 -19.54 -5.80 -31.38
N ILE D 7 -18.55 -6.54 -30.88
CA ILE D 7 -17.28 -6.67 -31.58
C ILE D 7 -17.45 -7.46 -32.87
N SER D 8 -17.04 -6.84 -33.98
CA SER D 8 -17.19 -7.46 -35.29
C SER D 8 -16.24 -8.64 -35.48
N LEU D 9 -16.76 -9.85 -35.27
CA LEU D 9 -15.98 -11.07 -35.44
C LEU D 9 -16.40 -11.84 -36.69
N ARG D 10 -15.48 -12.64 -37.21
CA ARG D 10 -15.83 -13.59 -38.27
C ARG D 10 -16.85 -14.59 -37.73
N PRO D 11 -17.77 -15.05 -38.60
CA PRO D 11 -18.82 -15.99 -38.17
C PRO D 11 -18.24 -17.24 -37.52
N GLU D 12 -17.21 -17.78 -38.13
CA GLU D 12 -16.53 -18.97 -37.63
C GLU D 12 -15.89 -18.72 -36.26
N VAL D 13 -15.27 -17.55 -36.12
CA VAL D 13 -14.63 -17.17 -34.86
C VAL D 13 -15.66 -16.99 -33.75
N GLU D 14 -16.72 -16.24 -34.04
CA GLU D 14 -17.78 -15.99 -33.07
C GLU D 14 -18.43 -17.31 -32.64
N ASN D 15 -18.58 -18.23 -33.60
CA ASN D 15 -19.12 -19.54 -33.28
C ASN D 15 -18.14 -20.37 -32.44
N TYR D 16 -16.85 -20.16 -32.66
CA TYR D 16 -15.81 -20.82 -31.86
C TYR D 16 -15.89 -20.37 -30.40
N LEU D 17 -15.82 -19.05 -30.19
CA LEU D 17 -15.92 -18.49 -28.86
C LEU D 17 -17.23 -18.89 -28.19
N LYS D 18 -18.30 -18.91 -28.99
CA LYS D 18 -19.60 -19.35 -28.51
C LYS D 18 -19.53 -20.80 -28.02
N GLU D 19 -18.84 -21.65 -28.78
CA GLU D 19 -18.60 -23.03 -28.34
C GLU D 19 -17.87 -23.04 -27.01
N GLY D 20 -16.96 -22.09 -26.85
CA GLY D 20 -16.22 -21.95 -25.61
C GLY D 20 -17.11 -21.64 -24.42
N PHE D 21 -17.96 -20.64 -24.56
CA PHE D 21 -18.77 -20.16 -23.44
C PHE D 21 -20.09 -20.91 -23.25
N MET D 22 -20.37 -21.86 -24.14
CA MET D 22 -21.62 -22.63 -24.06
C MET D 22 -21.38 -24.12 -23.90
N ASN D 23 -20.29 -24.49 -23.22
CA ASN D 23 -19.97 -25.89 -23.00
C ASN D 23 -20.96 -26.56 -22.04
N LYS D 24 -20.86 -27.88 -21.93
CA LYS D 24 -21.80 -28.67 -21.14
C LYS D 24 -21.90 -28.24 -19.68
N GLU D 25 -20.75 -27.92 -19.08
CA GLU D 25 -20.69 -27.61 -17.66
C GLU D 25 -21.39 -26.29 -17.33
N ILE D 26 -21.11 -25.26 -18.11
CA ILE D 26 -21.72 -23.95 -17.91
C ILE D 26 -23.23 -24.02 -18.14
N VAL D 27 -23.64 -24.71 -19.20
CA VAL D 27 -25.05 -24.92 -19.48
C VAL D 27 -25.72 -25.64 -18.32
N THR D 28 -25.03 -26.64 -17.79
CA THR D 28 -25.52 -27.39 -16.63
C THR D 28 -25.76 -26.48 -15.43
N ALA D 29 -24.77 -25.64 -15.13
CA ALA D 29 -24.82 -24.81 -13.93
C ALA D 29 -25.52 -23.46 -14.12
N LEU D 30 -26.02 -23.20 -15.33
CA LEU D 30 -26.62 -21.88 -15.61
C LEU D 30 -27.80 -21.92 -16.57
N GLY D 31 -27.78 -22.86 -17.52
CA GLY D 31 -28.82 -22.93 -18.53
C GLY D 31 -28.45 -22.15 -19.77
N LYS D 32 -28.94 -22.59 -20.91
CA LYS D 32 -28.63 -21.96 -22.20
C LYS D 32 -29.11 -20.51 -22.25
N GLN D 33 -30.33 -20.27 -21.78
CA GLN D 33 -30.93 -18.94 -21.81
C GLN D 33 -30.07 -17.89 -21.11
N GLU D 34 -29.34 -18.33 -20.08
CA GLU D 34 -28.54 -17.43 -19.27
C GLU D 34 -27.11 -17.30 -19.82
N ALA D 35 -26.48 -18.44 -20.07
CA ALA D 35 -25.12 -18.47 -20.60
C ALA D 35 -25.01 -17.72 -21.92
N GLU D 36 -26.03 -17.86 -22.75
CA GLU D 36 -26.06 -17.17 -24.05
C GLU D 36 -26.08 -15.66 -23.83
N ARG D 37 -26.87 -15.20 -22.87
CA ARG D 37 -26.95 -13.78 -22.55
C ARG D 37 -25.62 -13.29 -22.00
N LYS D 38 -24.96 -14.15 -21.22
CA LYS D 38 -23.64 -13.81 -20.68
C LYS D 38 -22.64 -13.59 -21.82
N PHE D 39 -22.61 -14.53 -22.75
CA PHE D 39 -21.74 -14.45 -23.91
C PHE D 39 -21.99 -13.20 -24.76
N GLU D 40 -23.26 -12.95 -25.10
CA GLU D 40 -23.61 -11.79 -25.90
C GLU D 40 -23.28 -10.48 -25.18
N THR D 41 -23.49 -10.47 -23.87
CA THR D 41 -23.15 -9.31 -23.05
C THR D 41 -21.65 -9.06 -23.10
N LEU D 42 -20.89 -10.15 -23.05
CA LEU D 42 -19.44 -10.08 -23.20
C LEU D 42 -19.06 -9.43 -24.52
N LEU D 43 -19.61 -9.95 -25.62
CA LEU D 43 -19.31 -9.40 -26.93
C LEU D 43 -19.72 -7.94 -27.06
N LYS D 44 -20.75 -7.54 -26.32
CA LYS D 44 -21.21 -6.16 -26.35
C LYS D 44 -20.28 -5.26 -25.54
N HIS D 45 -19.68 -5.81 -24.49
CA HIS D 45 -18.81 -5.05 -23.60
C HIS D 45 -17.38 -4.87 -24.13
N LEU D 46 -16.92 -5.81 -24.95
CA LEU D 46 -15.55 -5.77 -25.47
C LEU D 46 -15.29 -4.60 -26.41
N SER D 47 -16.35 -3.98 -26.89
CA SER D 47 -16.23 -2.89 -27.86
C SER D 47 -16.03 -1.54 -27.17
N HIS D 48 -16.21 -1.54 -25.84
CA HIS D 48 -16.16 -0.29 -25.08
C HIS D 48 -14.92 -0.23 -24.19
N PRO D 49 -14.32 0.96 -24.09
CA PRO D 49 -13.17 1.18 -23.21
C PRO D 49 -13.48 0.87 -21.74
N PRO D 50 -12.48 0.41 -20.98
CA PRO D 50 -12.66 0.26 -19.54
C PRO D 50 -13.03 1.60 -18.90
N SER D 51 -13.88 1.57 -17.88
CA SER D 51 -14.39 2.80 -17.29
C SER D 51 -13.36 3.50 -16.40
N PHE D 52 -12.16 2.93 -16.32
CA PHE D 52 -11.12 3.49 -15.47
C PHE D 52 -9.74 3.49 -16.11
N THR D 53 -9.13 4.67 -16.15
CA THR D 53 -7.72 4.80 -16.48
C THR D 53 -6.87 4.43 -15.27
N THR D 54 -6.13 3.34 -15.38
CA THR D 54 -5.31 2.87 -14.27
C THR D 54 -3.84 3.17 -14.49
N VAL D 55 -3.21 3.78 -13.50
CA VAL D 55 -1.82 4.23 -13.62
C VAL D 55 -0.92 3.62 -12.55
N ARG D 56 0.15 2.94 -12.96
CA ARG D 56 1.10 2.41 -11.98
C ARG D 56 2.13 3.45 -11.59
N VAL D 57 2.32 3.63 -10.29
CA VAL D 57 3.32 4.54 -9.76
C VAL D 57 4.66 3.82 -9.58
N ASN D 58 5.73 4.44 -10.09
CA ASN D 58 7.07 3.89 -9.91
C ASN D 58 7.63 4.24 -8.54
N THR D 59 7.32 3.38 -7.56
CA THR D 59 7.65 3.65 -6.16
C THR D 59 9.15 3.76 -5.89
N HIS D 60 9.97 3.33 -6.84
CA HIS D 60 11.42 3.36 -6.65
C HIS D 60 12.01 4.73 -7.00
N LEU D 61 11.17 5.64 -7.46
CA LEU D 61 11.61 6.99 -7.80
C LEU D 61 10.69 8.06 -7.21
N ALA D 62 9.45 7.68 -6.96
CA ALA D 62 8.47 8.60 -6.41
C ALA D 62 7.36 7.85 -5.67
N SER D 63 6.87 8.45 -4.58
CA SER D 63 5.78 7.86 -3.81
C SER D 63 4.45 8.03 -4.53
N VAL D 64 3.46 7.25 -4.11
CA VAL D 64 2.13 7.30 -4.71
C VAL D 64 1.47 8.66 -4.43
N GLN D 65 1.71 9.19 -3.24
CA GLN D 65 1.17 10.48 -2.83
C GLN D 65 1.67 11.62 -3.72
N HIS D 66 2.99 11.72 -3.83
CA HIS D 66 3.64 12.74 -4.66
C HIS D 66 3.13 12.70 -6.09
N VAL D 67 3.19 11.50 -6.68
CA VAL D 67 2.71 11.27 -8.04
C VAL D 67 1.23 11.66 -8.18
N LYS D 68 0.44 11.37 -7.15
CA LYS D 68 -0.97 11.72 -7.17
C LYS D 68 -1.15 13.23 -7.23
N ASN D 69 -0.36 13.96 -6.45
CA ASN D 69 -0.41 15.42 -6.47
C ASN D 69 -0.02 15.99 -7.83
N LEU D 70 1.09 15.48 -8.36
CA LEU D 70 1.57 15.91 -9.67
C LEU D 70 0.53 15.65 -10.77
N LEU D 71 -0.13 14.50 -10.69
CA LEU D 71 -1.17 14.15 -11.64
C LEU D 71 -2.43 14.98 -11.44
N LEU D 72 -2.65 15.45 -10.21
CA LEU D 72 -3.76 16.36 -9.95
C LEU D 72 -3.50 17.68 -10.66
N ASP D 73 -2.27 18.17 -10.56
CA ASP D 73 -1.88 19.37 -11.28
C ASP D 73 -2.01 19.15 -12.80
N GLU D 74 -1.57 17.99 -13.25
CA GLU D 74 -1.61 17.65 -14.67
C GLU D 74 -3.03 17.60 -15.22
N LEU D 75 -3.95 16.99 -14.47
CA LEU D 75 -5.34 16.92 -14.87
C LEU D 75 -5.98 18.30 -14.79
N GLN D 76 -5.49 19.11 -13.86
CA GLN D 76 -5.92 20.50 -13.76
C GLN D 76 -5.59 21.22 -15.07
N LYS D 77 -4.39 20.95 -15.59
CA LYS D 77 -3.96 21.56 -16.84
C LYS D 77 -4.71 21.04 -18.08
N GLN D 78 -4.77 19.71 -18.21
CA GLN D 78 -5.35 19.09 -19.40
C GLN D 78 -6.84 19.33 -19.57
N PHE D 79 -7.59 19.22 -18.48
CA PHE D 79 -9.04 19.32 -18.55
C PHE D 79 -9.55 20.73 -18.30
N ASN D 80 -8.63 21.70 -18.42
CA ASN D 80 -8.96 23.12 -18.29
C ASN D 80 -9.68 23.46 -16.98
N GLY D 81 -9.35 22.73 -15.92
CA GLY D 81 -9.91 23.02 -14.61
C GLY D 81 -11.16 22.23 -14.30
N LEU D 82 -11.30 21.06 -14.92
CA LEU D 82 -12.41 20.15 -14.61
C LEU D 82 -12.17 19.50 -13.26
N SER D 83 -13.07 18.60 -12.85
CA SER D 83 -12.95 17.96 -11.55
C SER D 83 -13.16 16.46 -11.60
N VAL D 84 -12.12 15.74 -12.02
CA VAL D 84 -12.13 14.28 -11.93
C VAL D 84 -11.21 13.82 -10.81
N PRO D 85 -11.68 12.87 -9.99
CA PRO D 85 -10.91 12.38 -8.84
C PRO D 85 -9.79 11.42 -9.23
N ILE D 86 -8.82 11.25 -8.36
CA ILE D 86 -7.78 10.24 -8.55
C ILE D 86 -7.70 9.34 -7.32
N LEU D 87 -8.43 8.23 -7.38
CA LEU D 87 -8.48 7.27 -6.28
C LEU D 87 -7.18 6.49 -6.14
N GLN D 88 -6.97 5.92 -4.96
CA GLN D 88 -5.85 5.02 -4.73
C GLN D 88 -6.38 3.66 -4.30
N HIS D 89 -6.01 2.61 -5.04
CA HIS D 89 -6.50 1.27 -4.77
C HIS D 89 -6.00 0.77 -3.41
N PRO D 90 -6.92 0.25 -2.59
CA PRO D 90 -6.59 -0.24 -1.25
C PRO D 90 -5.84 -1.57 -1.28
N ASP D 91 -6.10 -2.38 -2.30
CA ASP D 91 -5.44 -3.68 -2.43
C ASP D 91 -4.16 -3.55 -3.23
N LEU D 92 -4.23 -2.90 -4.38
CA LEU D 92 -3.04 -2.59 -5.17
C LEU D 92 -2.48 -1.25 -4.74
N GLN D 93 -1.52 -1.29 -3.82
CA GLN D 93 -1.04 -0.12 -3.10
C GLN D 93 -0.39 0.94 -3.99
N ASP D 94 0.20 0.52 -5.11
CA ASP D 94 0.93 1.44 -5.98
C ASP D 94 0.18 1.74 -7.26
N VAL D 95 -1.15 1.72 -7.20
CA VAL D 95 -1.97 1.96 -8.39
C VAL D 95 -2.96 3.12 -8.17
N LEU D 96 -2.99 4.04 -9.13
CA LEU D 96 -3.94 5.15 -9.11
C LEU D 96 -5.06 4.90 -10.11
N LEU D 97 -6.26 5.39 -9.77
CA LEU D 97 -7.44 5.17 -10.59
C LEU D 97 -8.11 6.49 -10.97
N ILE D 98 -8.29 6.70 -12.27
CA ILE D 98 -8.94 7.90 -12.76
C ILE D 98 -10.16 7.55 -13.59
N PRO D 99 -11.35 7.98 -13.17
CA PRO D 99 -12.58 7.58 -13.86
C PRO D 99 -12.64 8.13 -15.28
N VAL D 100 -13.36 7.43 -16.16
CA VAL D 100 -13.48 7.83 -17.54
C VAL D 100 -14.82 8.51 -17.79
N ILE D 101 -14.77 9.74 -18.29
CA ILE D 101 -15.97 10.51 -18.55
C ILE D 101 -16.48 10.26 -19.96
N GLY D 102 -17.52 9.44 -20.07
CA GLY D 102 -18.11 9.10 -21.35
C GLY D 102 -19.19 8.04 -21.21
N PRO D 103 -19.87 7.71 -22.32
CA PRO D 103 -19.66 8.33 -23.64
C PRO D 103 -20.43 9.64 -23.81
N ARG D 104 -19.99 10.47 -24.76
CA ARG D 104 -20.66 11.73 -25.05
C ARG D 104 -21.30 11.64 -26.44
N LYS D 105 -22.63 11.61 -26.45
CA LYS D 105 -23.38 11.38 -27.68
C LYS D 105 -23.78 12.67 -28.40
N ASN D 106 -23.48 13.81 -27.80
CA ASN D 106 -23.89 15.10 -28.35
C ASN D 106 -22.80 15.82 -29.15
N ILE D 107 -21.82 15.05 -29.62
CA ILE D 107 -20.72 15.64 -30.39
C ILE D 107 -21.13 15.87 -31.85
N LYS D 108 -20.99 17.11 -32.30
CA LYS D 108 -21.37 17.49 -33.66
C LYS D 108 -20.26 17.17 -34.66
N LYS D 109 -20.61 16.37 -35.66
CA LYS D 109 -19.63 15.89 -36.64
C LYS D 109 -19.28 16.95 -37.67
N GLN D 110 -17.99 17.26 -37.79
CA GLN D 110 -17.51 18.23 -38.76
C GLN D 110 -17.43 17.59 -40.15
N GLN D 111 -17.21 18.42 -41.17
CA GLN D 111 -17.14 17.93 -42.53
C GLN D 111 -15.72 17.45 -42.88
N CYS D 112 -14.71 18.12 -42.31
CA CYS D 112 -13.33 17.71 -42.49
C CYS D 112 -13.08 16.46 -41.65
N GLU D 113 -12.78 15.35 -42.32
CA GLU D 113 -12.64 14.06 -41.64
C GLU D 113 -11.22 13.53 -41.65
N ALA D 114 -10.94 12.60 -40.72
CA ALA D 114 -9.66 11.93 -40.66
C ALA D 114 -9.85 10.49 -40.21
N ILE D 115 -9.08 9.58 -40.79
CA ILE D 115 -9.22 8.17 -40.46
C ILE D 115 -7.90 7.58 -39.97
N VAL D 116 -7.94 7.02 -38.77
CA VAL D 116 -6.76 6.40 -38.17
C VAL D 116 -6.85 4.89 -38.20
N GLY D 117 -5.75 4.21 -37.88
CA GLY D 117 -5.75 2.76 -37.77
C GLY D 117 -6.57 2.32 -36.59
N ALA D 118 -7.01 1.06 -36.61
CA ALA D 118 -7.85 0.51 -35.54
C ALA D 118 -7.16 0.62 -34.18
N GLN D 119 -5.87 0.29 -34.15
CA GLN D 119 -5.09 0.35 -32.92
C GLN D 119 -5.02 1.77 -32.39
N CYS D 120 -4.76 2.72 -33.28
CA CYS D 120 -4.72 4.13 -32.92
C CYS D 120 -6.08 4.61 -32.44
N GLY D 121 -7.14 4.12 -33.07
CA GLY D 121 -8.50 4.43 -32.66
C GLY D 121 -8.75 3.99 -31.24
N ASN D 122 -8.41 2.73 -30.95
CA ASN D 122 -8.51 2.19 -29.61
C ASN D 122 -7.73 3.01 -28.61
N ALA D 123 -6.55 3.47 -29.01
CA ALA D 123 -5.73 4.32 -28.15
C ALA D 123 -6.44 5.66 -27.87
N VAL D 124 -7.06 6.21 -28.90
CA VAL D 124 -7.76 7.49 -28.79
C VAL D 124 -8.93 7.36 -27.82
N LEU D 125 -9.64 6.24 -27.92
CA LEU D 125 -10.74 5.97 -27.00
C LEU D 125 -10.25 5.84 -25.56
N ARG D 126 -8.98 5.51 -25.40
CA ARG D 126 -8.39 5.38 -24.07
C ARG D 126 -7.75 6.68 -23.61
N GLY D 127 -7.96 7.75 -24.36
CA GLY D 127 -7.55 9.07 -23.95
C GLY D 127 -6.27 9.57 -24.58
N ALA D 128 -5.92 9.03 -25.74
CA ALA D 128 -4.71 9.43 -26.44
C ALA D 128 -5.03 10.36 -27.60
N HIS D 129 -4.09 11.24 -27.93
CA HIS D 129 -4.22 12.06 -29.12
C HIS D 129 -3.77 11.26 -30.34
N VAL D 130 -3.98 11.84 -31.52
CA VAL D 130 -3.58 11.18 -32.76
C VAL D 130 -2.25 11.71 -33.26
N TYR D 131 -1.21 10.88 -33.15
CA TYR D 131 0.12 11.26 -33.63
C TYR D 131 0.29 10.84 -35.09
N ALA D 132 1.18 11.53 -35.79
CA ALA D 132 1.34 11.43 -37.24
C ALA D 132 1.34 10.02 -37.84
N PRO D 133 2.10 9.06 -37.26
CA PRO D 133 2.11 7.75 -37.90
C PRO D 133 0.78 7.00 -37.84
N GLY D 134 -0.20 7.54 -37.11
CA GLY D 134 -1.47 6.88 -36.92
C GLY D 134 -2.48 7.17 -38.00
N ILE D 135 -2.41 8.38 -38.57
CA ILE D 135 -3.34 8.77 -39.62
C ILE D 135 -3.07 8.02 -40.92
N VAL D 136 -4.10 7.36 -41.45
CA VAL D 136 -3.97 6.62 -42.69
C VAL D 136 -4.86 7.20 -43.78
N SER D 137 -5.65 8.21 -43.43
CA SER D 137 -6.54 8.87 -44.38
C SER D 137 -7.05 10.19 -43.83
N ALA D 138 -7.28 11.14 -44.73
CA ALA D 138 -7.75 12.47 -44.36
C ALA D 138 -8.31 13.21 -45.56
N SER D 139 -9.24 14.12 -45.32
CA SER D 139 -9.79 14.98 -46.37
C SER D 139 -8.68 15.78 -47.03
N GLN D 140 -8.66 15.78 -48.36
CA GLN D 140 -7.58 16.39 -49.12
C GLN D 140 -7.44 17.89 -48.90
N PHE D 141 -8.50 18.53 -48.39
CA PHE D 141 -8.48 19.96 -48.18
C PHE D 141 -8.16 20.36 -46.73
N MET D 142 -7.64 19.41 -45.96
CA MET D 142 -7.35 19.68 -44.55
C MET D 142 -6.09 20.52 -44.37
N LYS D 143 -6.24 21.62 -43.65
CA LYS D 143 -5.10 22.46 -43.28
C LYS D 143 -4.83 22.35 -41.78
N ALA D 144 -3.61 22.70 -41.37
CA ALA D 144 -3.27 22.66 -39.95
C ALA D 144 -4.06 23.71 -39.18
N GLY D 145 -4.91 23.25 -38.26
CA GLY D 145 -5.74 24.14 -37.47
C GLY D 145 -7.22 23.85 -37.66
N ASP D 146 -7.54 23.08 -38.69
CA ASP D 146 -8.93 22.74 -39.00
C ASP D 146 -9.53 21.83 -37.93
N VAL D 147 -10.73 22.20 -37.47
CA VAL D 147 -11.48 21.35 -36.54
C VAL D 147 -12.04 20.13 -37.28
N ILE D 148 -11.43 18.97 -37.05
CA ILE D 148 -11.79 17.77 -37.79
C ILE D 148 -12.42 16.68 -36.91
N SER D 149 -13.10 15.74 -37.57
CA SER D 149 -13.70 14.60 -36.88
C SER D 149 -12.92 13.32 -37.18
N VAL D 150 -12.44 12.69 -36.11
CA VAL D 150 -11.63 11.48 -36.25
C VAL D 150 -12.50 10.21 -36.26
N TYR D 151 -12.25 9.36 -37.25
CA TYR D 151 -12.96 8.07 -37.35
C TYR D 151 -11.97 6.91 -37.29
N SER D 152 -12.43 5.80 -36.70
CA SER D 152 -11.59 4.61 -36.56
C SER D 152 -11.89 3.55 -37.62
N ASP D 153 -10.86 3.18 -38.39
CA ASP D 153 -10.97 2.11 -39.36
C ASP D 153 -10.89 0.76 -38.66
N ILE D 154 -11.99 0.34 -38.04
CA ILE D 154 -12.00 -0.84 -37.18
C ILE D 154 -11.69 -2.13 -37.95
N LYS D 155 -11.97 -2.14 -39.25
CA LYS D 155 -11.74 -3.33 -40.06
C LYS D 155 -10.32 -3.36 -40.62
N GLY D 156 -9.67 -2.19 -40.60
CA GLY D 156 -8.34 -2.05 -41.16
C GLY D 156 -8.34 -2.31 -42.65
N LYS D 157 -9.29 -1.68 -43.35
CA LYS D 157 -9.46 -1.92 -44.78
C LYS D 157 -9.15 -0.68 -45.61
N CYS D 158 -8.87 0.43 -44.95
CA CYS D 158 -8.54 1.67 -45.64
C CYS D 158 -7.09 1.69 -46.11
N LYS D 159 -6.90 1.79 -47.43
CA LYS D 159 -5.56 1.84 -47.98
C LYS D 159 -4.97 3.23 -47.79
N LYS D 160 -3.78 3.28 -47.20
CA LYS D 160 -3.15 4.53 -46.76
C LYS D 160 -3.06 5.58 -47.87
N GLY D 161 -3.47 6.81 -47.55
CA GLY D 161 -3.40 7.91 -48.48
C GLY D 161 -4.72 8.23 -49.15
N ALA D 162 -5.68 7.33 -49.00
CA ALA D 162 -6.99 7.47 -49.65
C ALA D 162 -7.67 8.78 -49.31
N LYS D 163 -8.44 9.30 -50.26
CA LYS D 163 -9.14 10.57 -50.08
C LYS D 163 -10.62 10.33 -49.77
N GLU D 164 -11.03 9.07 -49.90
CA GLU D 164 -12.39 8.67 -49.54
C GLU D 164 -12.40 7.23 -49.04
N PHE D 165 -13.39 6.90 -48.21
CA PHE D 165 -13.48 5.56 -47.64
C PHE D 165 -14.95 5.15 -47.42
N ASP D 166 -15.37 4.10 -48.11
CA ASP D 166 -16.75 3.65 -48.04
C ASP D 166 -16.94 2.51 -47.03
N GLY D 167 -15.84 2.10 -46.40
CA GLY D 167 -15.89 1.00 -45.46
C GLY D 167 -16.47 1.39 -44.12
N THR D 168 -16.17 0.60 -43.09
CA THR D 168 -16.75 0.83 -41.77
C THR D 168 -15.92 1.80 -40.93
N LYS D 169 -16.53 2.93 -40.57
CA LYS D 169 -15.89 3.92 -39.73
C LYS D 169 -16.59 4.00 -38.38
N VAL D 170 -15.87 4.45 -37.35
CA VAL D 170 -16.45 4.68 -36.04
C VAL D 170 -16.00 6.03 -35.48
N PHE D 171 -16.98 6.89 -35.20
CA PHE D 171 -16.69 8.24 -34.71
C PHE D 171 -16.05 8.22 -33.32
N LEU D 172 -14.88 8.87 -33.21
CA LEU D 172 -14.13 8.88 -31.96
C LEU D 172 -14.20 10.24 -31.27
N GLY D 173 -14.52 11.27 -32.03
CA GLY D 173 -14.60 12.62 -31.50
C GLY D 173 -13.99 13.67 -32.41
N ASN D 174 -13.85 14.89 -31.92
CA ASN D 174 -13.30 15.99 -32.71
C ASN D 174 -11.97 16.48 -32.17
N GLY D 175 -11.16 17.06 -33.05
CA GLY D 175 -9.86 17.57 -32.66
C GLY D 175 -9.26 18.60 -33.61
N ILE D 176 -8.36 19.41 -33.09
CA ILE D 176 -7.64 20.39 -33.90
C ILE D 176 -6.44 19.75 -34.58
N SER D 177 -6.41 19.80 -35.90
CA SER D 177 -5.29 19.26 -36.66
C SER D 177 -4.06 20.15 -36.53
N GLU D 178 -2.87 19.55 -36.63
CA GLU D 178 -1.64 20.31 -36.60
C GLU D 178 -0.79 20.04 -37.85
N LEU D 179 -1.36 19.28 -38.78
CA LEU D 179 -0.71 19.00 -40.06
C LEU D 179 -1.74 19.03 -41.18
N SER D 180 -1.31 19.43 -42.37
CA SER D 180 -2.17 19.34 -43.55
C SER D 180 -2.03 17.94 -44.14
N ARG D 181 -2.93 17.57 -45.05
CA ARG D 181 -2.87 16.26 -45.66
C ARG D 181 -1.61 16.13 -46.53
N LYS D 182 -1.19 17.26 -47.11
CA LYS D 182 0.04 17.29 -47.88
C LYS D 182 1.22 16.87 -47.02
N GLU D 183 1.44 17.60 -45.92
CA GLU D 183 2.54 17.32 -45.00
C GLU D 183 2.60 15.84 -44.60
N ILE D 184 1.44 15.21 -44.55
CA ILE D 184 1.33 13.82 -44.14
C ILE D 184 1.66 12.84 -45.26
N PHE D 185 1.04 13.02 -46.43
CA PHE D 185 1.15 12.02 -47.49
C PHE D 185 2.01 12.43 -48.68
N SER D 186 2.51 13.66 -48.70
CA SER D 186 3.38 14.08 -49.79
C SER D 186 4.80 13.55 -49.59
N GLY D 187 5.34 12.91 -50.62
CA GLY D 187 6.64 12.27 -50.53
C GLY D 187 6.56 11.08 -49.59
N LEU D 188 7.59 10.88 -48.78
CA LEU D 188 7.58 9.82 -47.78
C LEU D 188 8.38 10.17 -46.52
N PRO D 189 8.06 11.30 -45.88
CA PRO D 189 8.78 11.54 -44.63
C PRO D 189 8.17 10.74 -43.48
N GLU D 190 8.93 9.81 -42.93
CA GLU D 190 8.45 9.00 -41.81
C GLU D 190 8.34 9.85 -40.55
N LEU D 191 7.56 10.92 -40.63
CA LEU D 191 7.53 11.96 -39.61
C LEU D 191 6.80 11.52 -38.34
N LYS D 192 7.26 12.05 -37.21
CA LYS D 192 6.65 11.82 -35.92
C LYS D 192 6.02 13.11 -35.44
N GLY D 193 5.51 13.10 -34.20
CA GLY D 193 4.95 14.30 -33.61
C GLY D 193 3.43 14.31 -33.60
N MET D 194 2.86 15.42 -33.15
CA MET D 194 1.41 15.54 -33.06
C MET D 194 0.76 15.61 -34.44
N GLY D 195 -0.40 14.98 -34.56
CA GLY D 195 -1.16 15.02 -35.80
C GLY D 195 -2.52 15.66 -35.60
N ILE D 196 -3.26 15.15 -34.62
CA ILE D 196 -4.59 15.68 -34.30
C ILE D 196 -4.80 15.78 -32.79
N ARG D 197 -4.82 16.99 -32.27
CA ARG D 197 -5.10 17.21 -30.85
C ARG D 197 -6.58 17.07 -30.55
N MET D 198 -6.96 15.95 -29.92
CA MET D 198 -8.35 15.69 -29.56
C MET D 198 -8.87 16.74 -28.58
N THR D 199 -9.97 17.40 -28.96
CA THR D 199 -10.57 18.43 -28.12
C THR D 199 -11.92 17.98 -27.59
N GLU D 200 -12.60 17.14 -28.35
CA GLU D 200 -13.90 16.60 -27.93
C GLU D 200 -14.00 15.10 -28.19
N PRO D 201 -13.34 14.28 -27.36
CA PRO D 201 -13.41 12.83 -27.53
C PRO D 201 -14.71 12.26 -27.01
N VAL D 202 -15.13 11.11 -27.54
CA VAL D 202 -16.32 10.43 -27.03
C VAL D 202 -16.11 10.04 -25.57
N TYR D 203 -14.96 9.44 -25.29
CA TYR D 203 -14.57 9.14 -23.92
C TYR D 203 -13.42 10.05 -23.50
N LEU D 204 -13.61 10.76 -22.39
CA LEU D 204 -12.62 11.73 -21.94
C LEU D 204 -11.65 11.13 -20.93
N SER D 205 -10.44 10.86 -21.40
CA SER D 205 -9.38 10.34 -20.53
C SER D 205 -8.10 11.12 -20.77
N PRO D 206 -7.28 11.28 -19.72
CA PRO D 206 -6.04 12.05 -19.78
C PRO D 206 -5.04 11.48 -20.80
N SER D 207 -4.26 12.36 -21.41
CA SER D 207 -3.22 11.92 -22.34
C SER D 207 -1.93 11.67 -21.57
N PHE D 208 -1.42 10.46 -21.66
CA PHE D 208 -0.22 10.07 -20.90
C PHE D 208 0.99 9.87 -21.80
N ASP D 209 1.31 10.89 -22.60
CA ASP D 209 2.44 10.80 -23.53
C ASP D 209 3.77 11.13 -22.85
N SER D 210 4.00 12.42 -22.62
CA SER D 210 5.26 12.87 -22.04
C SER D 210 5.10 13.39 -20.61
N VAL D 211 4.14 12.82 -19.88
CA VAL D 211 3.88 13.25 -18.50
C VAL D 211 4.49 12.29 -17.49
N LEU D 212 5.38 12.81 -16.66
CA LEU D 212 6.06 12.06 -15.60
C LEU D 212 6.56 10.68 -16.02
N PRO D 213 7.43 10.63 -17.04
CA PRO D 213 7.85 9.34 -17.62
C PRO D 213 8.64 8.46 -16.65
N ARG D 214 9.26 9.07 -15.64
CA ARG D 214 10.05 8.32 -14.67
C ARG D 214 9.21 7.86 -13.48
N TYR D 215 8.02 8.45 -13.35
CA TYR D 215 7.16 8.19 -12.20
C TYR D 215 5.95 7.31 -12.55
N LEU D 216 5.51 7.39 -13.80
CA LEU D 216 4.31 6.68 -14.22
C LEU D 216 4.58 5.46 -15.07
N PHE D 217 3.55 4.63 -15.22
CA PHE D 217 3.51 3.59 -16.22
C PHE D 217 2.06 3.18 -16.43
N LEU D 218 1.51 3.54 -17.60
CA LEU D 218 0.13 3.19 -17.92
C LEU D 218 0.01 1.67 -18.04
N GLN D 219 -0.84 1.09 -17.20
CA GLN D 219 -0.94 -0.35 -17.10
C GLN D 219 -2.32 -0.76 -16.65
N ASN D 220 -2.93 -1.72 -17.36
CA ASN D 220 -4.24 -2.23 -16.97
C ASN D 220 -4.19 -2.84 -15.58
N LEU D 221 -5.29 -2.72 -14.84
CA LEU D 221 -5.34 -3.15 -13.45
C LEU D 221 -4.93 -4.62 -13.21
N PRO D 222 -5.45 -5.56 -14.02
CA PRO D 222 -4.99 -6.94 -13.79
C PRO D 222 -3.50 -7.16 -14.08
N SER D 223 -2.97 -6.46 -15.08
CA SER D 223 -1.55 -6.56 -15.41
C SER D 223 -0.71 -6.11 -14.22
N ALA D 224 -1.14 -5.04 -13.56
CA ALA D 224 -0.47 -4.55 -12.36
C ALA D 224 -0.68 -5.54 -11.21
N LEU D 225 -1.79 -6.26 -11.26
CA LEU D 225 -2.12 -7.22 -10.22
C LEU D 225 -1.18 -8.42 -10.27
N VAL D 226 -0.79 -8.81 -11.49
CA VAL D 226 0.06 -9.99 -11.69
C VAL D 226 1.34 -9.96 -10.86
N SER D 227 2.06 -8.84 -10.91
CA SER D 227 3.32 -8.71 -10.18
C SER D 227 3.10 -8.82 -8.67
N HIS D 228 1.96 -8.35 -8.21
CA HIS D 228 1.61 -8.46 -6.79
C HIS D 228 1.31 -9.91 -6.41
N VAL D 229 0.60 -10.61 -7.29
CA VAL D 229 0.25 -12.01 -7.06
C VAL D 229 1.51 -12.88 -7.03
N LEU D 230 2.44 -12.60 -7.94
CA LEU D 230 3.71 -13.33 -7.97
C LEU D 230 4.45 -13.17 -6.64
N ASN D 231 4.29 -11.99 -6.05
CA ASN D 231 4.84 -11.69 -4.72
C ASN D 231 6.35 -11.92 -4.64
N PRO D 232 7.14 -11.11 -5.39
CA PRO D 232 8.59 -11.27 -5.35
C PRO D 232 9.22 -10.66 -4.09
N GLN D 233 10.17 -11.38 -3.50
CA GLN D 233 10.91 -10.89 -2.34
C GLN D 233 12.25 -10.29 -2.75
N PRO D 234 12.70 -9.26 -2.01
CA PRO D 234 14.01 -8.65 -2.27
C PRO D 234 15.17 -9.63 -2.13
N GLY D 235 15.96 -9.80 -3.18
CA GLY D 235 17.11 -10.69 -3.14
C GLY D 235 16.88 -12.00 -3.85
N GLU D 236 15.66 -12.25 -4.30
CA GLU D 236 15.32 -13.48 -5.00
C GLU D 236 15.76 -13.43 -6.47
N LYS D 237 15.63 -14.55 -7.16
CA LYS D 237 15.89 -14.59 -8.58
C LYS D 237 14.58 -14.81 -9.35
N ILE D 238 14.19 -13.79 -10.12
CA ILE D 238 12.95 -13.84 -10.86
C ILE D 238 13.20 -13.82 -12.36
N LEU D 239 12.37 -14.54 -13.11
CA LEU D 239 12.44 -14.51 -14.56
C LEU D 239 11.08 -14.57 -15.21
N ASP D 240 10.80 -13.61 -16.08
CA ASP D 240 9.63 -13.71 -16.95
C ASP D 240 10.07 -13.96 -18.39
N LEU D 241 9.68 -15.12 -18.92
CA LEU D 241 10.08 -15.55 -20.25
C LEU D 241 9.66 -14.55 -21.33
N CYS D 242 8.40 -14.13 -21.28
CA CYS D 242 7.89 -13.15 -22.22
C CYS D 242 7.69 -11.83 -21.47
N ALA D 243 8.59 -10.88 -21.72
CA ALA D 243 8.71 -9.73 -20.84
C ALA D 243 8.41 -8.40 -21.54
N ALA D 244 8.78 -8.29 -22.81
CA ALA D 244 8.68 -7.02 -23.53
C ALA D 244 7.25 -6.48 -23.61
N PRO D 245 7.10 -5.16 -23.46
CA PRO D 245 8.18 -4.17 -23.29
C PRO D 245 8.63 -3.99 -21.84
N GLY D 246 8.29 -4.93 -20.97
CA GLY D 246 8.77 -4.91 -19.59
C GLY D 246 7.98 -4.05 -18.63
N GLY D 247 6.65 -4.18 -18.65
CA GLY D 247 5.81 -3.52 -17.66
C GLY D 247 5.83 -4.30 -16.37
N LYS D 248 5.45 -5.57 -16.45
CA LYS D 248 5.46 -6.46 -15.30
C LYS D 248 6.88 -6.71 -14.83
N THR D 249 7.84 -6.60 -15.74
CA THR D 249 9.25 -6.75 -15.39
C THR D 249 9.71 -5.64 -14.45
N THR D 250 9.56 -4.40 -14.90
CA THR D 250 9.92 -3.23 -14.10
C THR D 250 9.10 -3.16 -12.82
N HIS D 251 7.86 -3.64 -12.88
CA HIS D 251 7.03 -3.70 -11.67
C HIS D 251 7.62 -4.67 -10.65
N ILE D 252 7.97 -5.87 -11.13
CA ILE D 252 8.62 -6.88 -10.30
C ILE D 252 9.88 -6.33 -9.66
N ALA D 253 10.68 -5.64 -10.47
CA ALA D 253 11.92 -5.04 -9.97
C ALA D 253 11.64 -3.98 -8.91
N ALA D 254 10.57 -3.21 -9.11
CA ALA D 254 10.22 -2.14 -8.18
C ALA D 254 9.69 -2.68 -6.86
N LEU D 255 9.02 -3.83 -6.90
CA LEU D 255 8.49 -4.44 -5.69
C LEU D 255 9.61 -4.99 -4.81
N MET D 256 10.73 -5.32 -5.45
CA MET D 256 11.87 -5.88 -4.74
C MET D 256 12.82 -4.78 -4.27
N HIS D 257 12.37 -3.54 -4.39
CA HIS D 257 13.18 -2.36 -4.07
C HIS D 257 14.48 -2.36 -4.86
N ASP D 258 14.42 -2.95 -6.05
CA ASP D 258 15.57 -3.06 -6.95
C ASP D 258 16.70 -3.86 -6.31
N GLN D 259 16.35 -4.71 -5.36
CA GLN D 259 17.32 -5.56 -4.67
C GLN D 259 17.12 -7.02 -5.04
N GLY D 260 17.95 -7.51 -5.97
CA GLY D 260 17.86 -8.89 -6.40
C GLY D 260 18.31 -9.07 -7.84
N GLU D 261 17.63 -9.95 -8.55
CA GLU D 261 17.98 -10.25 -9.94
C GLU D 261 16.75 -10.59 -10.75
N VAL D 262 16.44 -9.75 -11.74
CA VAL D 262 15.30 -9.96 -12.61
C VAL D 262 15.74 -10.17 -14.05
N ILE D 263 15.60 -11.40 -14.53
CA ILE D 263 16.00 -11.74 -15.89
C ILE D 263 14.80 -11.71 -16.83
N ALA D 264 14.88 -10.85 -17.84
CA ALA D 264 13.76 -10.67 -18.76
C ALA D 264 14.14 -11.13 -20.17
N LEU D 265 13.37 -12.05 -20.73
CA LEU D 265 13.65 -12.57 -22.07
C LEU D 265 12.63 -12.06 -23.09
N ASP D 266 13.02 -12.07 -24.36
CA ASP D 266 12.06 -11.86 -25.45
C ASP D 266 12.60 -12.36 -26.79
N LYS D 267 11.71 -12.71 -27.70
CA LYS D 267 12.11 -13.30 -28.98
C LYS D 267 12.49 -12.23 -29.99
N ILE D 268 11.85 -11.07 -29.90
CA ILE D 268 12.10 -9.97 -30.83
C ILE D 268 13.07 -8.95 -30.24
N PHE D 269 14.06 -8.56 -31.04
CA PHE D 269 15.16 -7.69 -30.61
C PHE D 269 14.71 -6.30 -30.15
N ASN D 270 14.02 -5.58 -31.03
CA ASN D 270 13.56 -4.22 -30.75
C ASN D 270 12.77 -4.16 -29.44
N LYS D 271 11.99 -5.21 -29.20
CA LYS D 271 11.22 -5.35 -27.98
C LYS D 271 12.14 -5.39 -26.75
N VAL D 272 13.20 -6.19 -26.84
CA VAL D 272 14.19 -6.28 -25.77
C VAL D 272 14.83 -4.92 -25.51
N GLU D 273 15.15 -4.22 -26.60
CA GLU D 273 15.69 -2.87 -26.49
C GLU D 273 14.71 -1.95 -25.75
N LYS D 274 13.42 -2.14 -25.99
CA LYS D 274 12.40 -1.37 -25.30
C LYS D 274 12.37 -1.71 -23.82
N ILE D 275 12.57 -2.98 -23.49
CA ILE D 275 12.72 -3.41 -22.09
C ILE D 275 13.84 -2.65 -21.42
N LYS D 276 15.03 -2.70 -22.02
CA LYS D 276 16.20 -2.02 -21.46
C LYS D 276 15.96 -0.52 -21.30
N GLN D 277 15.35 0.10 -22.31
CA GLN D 277 15.03 1.52 -22.25
C GLN D 277 14.10 1.84 -21.08
N ASN D 278 13.09 1.01 -20.89
CA ASN D 278 12.15 1.18 -19.78
C ASN D 278 12.83 1.05 -18.42
N ALA D 279 13.60 -0.02 -18.26
CA ALA D 279 14.32 -0.28 -17.01
C ALA D 279 15.26 0.87 -16.68
N LEU D 280 15.95 1.38 -17.69
CA LEU D 280 16.88 2.50 -17.50
C LEU D 280 16.11 3.77 -17.16
N LEU D 281 14.94 3.93 -17.76
CA LEU D 281 14.11 5.11 -17.54
C LEU D 281 13.59 5.18 -16.11
N LEU D 282 13.05 4.07 -15.62
CA LEU D 282 12.40 4.05 -14.31
C LEU D 282 13.39 3.92 -13.14
N GLY D 283 14.65 3.69 -13.45
CA GLY D 283 15.69 3.66 -12.42
C GLY D 283 15.94 2.30 -11.80
N LEU D 284 15.50 1.24 -12.48
CA LEU D 284 15.73 -0.12 -12.02
C LEU D 284 17.03 -0.66 -12.60
N ASN D 285 17.89 -1.22 -11.75
CA ASN D 285 19.19 -1.71 -12.18
C ASN D 285 19.29 -3.24 -12.14
N SER D 286 18.36 -3.87 -11.44
CA SER D 286 18.37 -5.33 -11.28
C SER D 286 17.76 -6.06 -12.47
N ILE D 287 17.43 -5.32 -13.52
CA ILE D 287 16.80 -5.90 -14.71
C ILE D 287 17.83 -6.19 -15.79
N ARG D 288 17.89 -7.44 -16.23
CA ARG D 288 18.79 -7.83 -17.32
C ARG D 288 18.01 -8.49 -18.46
N ALA D 289 18.01 -7.83 -19.62
CA ALA D 289 17.19 -8.26 -20.74
C ALA D 289 17.99 -8.97 -21.83
N PHE D 290 17.40 -10.02 -22.40
CA PHE D 290 18.04 -10.79 -23.46
C PHE D 290 17.07 -11.15 -24.59
N CYS D 291 17.60 -11.14 -25.81
CA CYS D 291 16.84 -11.60 -26.96
C CYS D 291 17.03 -13.11 -27.11
N PHE D 292 16.00 -13.87 -26.77
CA PHE D 292 16.14 -15.32 -26.69
C PHE D 292 14.80 -16.04 -26.76
N ASP D 293 14.80 -17.24 -27.35
CA ASP D 293 13.59 -18.06 -27.45
C ASP D 293 13.33 -18.77 -26.12
N GLY D 294 12.20 -18.42 -25.50
CA GLY D 294 11.84 -18.98 -24.21
C GLY D 294 11.63 -20.48 -24.21
N THR D 295 11.19 -21.03 -25.33
CA THR D 295 10.94 -22.46 -25.45
C THR D 295 12.25 -23.25 -25.42
N LYS D 296 13.35 -22.57 -25.73
CA LYS D 296 14.66 -23.20 -25.78
C LYS D 296 15.58 -22.60 -24.72
N ALA D 297 15.01 -22.27 -23.57
CA ALA D 297 15.75 -21.54 -22.54
C ALA D 297 16.35 -22.47 -21.48
N VAL D 298 16.13 -23.77 -21.63
CA VAL D 298 16.68 -24.75 -20.69
C VAL D 298 17.99 -25.32 -21.21
N LYS D 299 19.03 -25.24 -20.38
CA LYS D 299 20.36 -25.71 -20.75
C LYS D 299 20.38 -27.19 -21.11
N GLY D 308 26.43 -16.17 -17.40
CA GLY D 308 25.18 -15.73 -16.80
C GLY D 308 24.09 -15.51 -17.82
N GLU D 309 24.45 -15.64 -19.10
CA GLU D 309 23.49 -15.45 -20.19
C GLU D 309 22.66 -16.71 -20.41
N PRO D 310 21.49 -16.58 -21.05
CA PRO D 310 20.67 -17.75 -21.36
C PRO D 310 21.33 -18.67 -22.38
N PRO D 311 20.98 -19.96 -22.39
CA PRO D 311 19.99 -20.63 -21.52
C PRO D 311 20.48 -20.81 -20.08
N PHE D 312 19.56 -21.19 -19.19
CA PHE D 312 19.87 -21.34 -17.79
C PHE D 312 19.69 -22.79 -17.34
N LEU D 313 20.43 -23.18 -16.30
CA LEU D 313 20.31 -24.50 -15.71
C LEU D 313 18.93 -24.70 -15.10
N PRO D 314 18.40 -25.93 -15.15
CA PRO D 314 17.09 -26.22 -14.55
C PRO D 314 17.09 -25.97 -13.04
N GLU D 315 15.94 -25.58 -12.51
CA GLU D 315 15.79 -25.28 -11.09
C GLU D 315 16.81 -24.26 -10.60
N SER D 316 16.85 -23.10 -11.24
CA SER D 316 17.82 -22.08 -10.90
C SER D 316 17.18 -20.71 -10.62
N PHE D 317 15.85 -20.66 -10.69
CA PHE D 317 15.13 -19.41 -10.45
C PHE D 317 14.15 -19.54 -9.30
N ASP D 318 14.10 -18.50 -8.46
CA ASP D 318 13.19 -18.48 -7.33
C ASP D 318 11.74 -18.35 -7.79
N ARG D 319 11.49 -17.42 -8.70
CA ARG D 319 10.14 -17.22 -9.22
C ARG D 319 10.11 -17.00 -10.72
N ILE D 320 9.06 -17.50 -11.37
CA ILE D 320 8.95 -17.38 -12.82
C ILE D 320 7.56 -16.89 -13.25
N LEU D 321 7.56 -15.85 -14.06
CA LEU D 321 6.32 -15.26 -14.59
C LEU D 321 6.15 -15.56 -16.06
N LEU D 322 5.21 -16.44 -16.38
CA LEU D 322 4.85 -16.68 -17.78
C LEU D 322 3.69 -15.79 -18.18
N ASP D 323 4.01 -14.59 -18.64
CA ASP D 323 3.02 -13.71 -19.23
C ASP D 323 2.88 -14.07 -20.71
N ALA D 324 2.47 -15.30 -20.96
CA ALA D 324 2.46 -15.90 -22.28
C ALA D 324 1.70 -15.06 -23.32
N PRO D 325 2.19 -15.07 -24.57
CA PRO D 325 1.48 -14.44 -25.68
C PRO D 325 0.15 -15.15 -25.93
N CYS D 326 -0.87 -14.38 -26.32
CA CYS D 326 -2.21 -14.94 -26.45
C CYS D 326 -2.99 -14.23 -27.54
N SER D 327 -4.22 -14.69 -27.77
CA SER D 327 -5.10 -14.13 -28.79
C SER D 327 -5.44 -12.67 -28.50
N GLY D 328 -5.38 -12.29 -27.22
CA GLY D 328 -5.65 -10.92 -26.84
C GLY D 328 -7.10 -10.54 -27.07
N MET D 329 -7.98 -11.54 -26.95
CA MET D 329 -9.41 -11.33 -27.18
C MET D 329 -10.01 -10.46 -26.08
N GLY D 330 -9.37 -10.44 -24.92
CA GLY D 330 -9.84 -9.66 -23.78
C GLY D 330 -9.49 -8.19 -23.84
N GLN D 331 -8.87 -7.77 -24.94
CA GLN D 331 -8.48 -6.37 -25.11
C GLN D 331 -9.71 -5.46 -25.17
N ARG D 332 -9.64 -4.31 -24.50
CA ARG D 332 -10.70 -3.32 -24.57
C ARG D 332 -10.10 -1.92 -24.69
N PRO D 333 -10.61 -1.12 -25.65
CA PRO D 333 -11.71 -1.49 -26.54
C PRO D 333 -11.26 -2.24 -27.79
N ASN D 334 -12.00 -3.29 -28.14
CA ASN D 334 -11.73 -4.06 -29.35
C ASN D 334 -13.01 -4.17 -30.19
N MET D 335 -13.18 -3.24 -31.12
CA MET D 335 -14.42 -3.12 -31.87
C MET D 335 -14.54 -4.11 -33.03
N ALA D 336 -13.41 -4.67 -33.46
CA ALA D 336 -13.41 -5.65 -34.55
C ALA D 336 -12.16 -6.49 -34.54
N CYS D 337 -12.30 -7.75 -34.98
CA CYS D 337 -11.16 -8.66 -35.06
C CYS D 337 -11.26 -9.54 -36.31
N THR D 338 -10.47 -9.19 -37.32
CA THR D 338 -10.51 -9.90 -38.60
C THR D 338 -9.55 -11.08 -38.63
N TRP D 339 -9.59 -11.90 -37.58
CA TRP D 339 -8.70 -13.05 -37.48
C TRP D 339 -9.37 -14.34 -37.91
N SER D 340 -8.57 -15.28 -38.40
CA SER D 340 -9.02 -16.64 -38.68
C SER D 340 -9.14 -17.43 -37.38
N VAL D 341 -9.96 -18.48 -37.40
CA VAL D 341 -10.10 -19.34 -36.23
C VAL D 341 -8.78 -20.07 -35.96
N LYS D 342 -8.11 -20.47 -37.03
CA LYS D 342 -6.81 -21.11 -36.92
C LYS D 342 -5.80 -20.20 -36.23
N GLU D 343 -5.91 -18.89 -36.48
CA GLU D 343 -5.02 -17.91 -35.86
C GLU D 343 -5.31 -17.72 -34.37
N VAL D 344 -6.60 -17.72 -34.02
CA VAL D 344 -7.02 -17.50 -32.63
C VAL D 344 -6.59 -18.66 -31.73
N ALA D 345 -6.69 -19.88 -32.24
CA ALA D 345 -6.35 -21.07 -31.47
C ALA D 345 -4.91 -21.50 -31.70
N SER D 346 -4.12 -20.61 -32.26
CA SER D 346 -2.74 -20.93 -32.63
C SER D 346 -1.75 -20.70 -31.49
N TYR D 347 -2.26 -20.53 -30.27
CA TYR D 347 -1.39 -20.14 -29.16
C TYR D 347 -1.16 -21.23 -28.13
N GLN D 348 -2.14 -22.13 -27.97
CA GLN D 348 -2.06 -23.18 -26.97
C GLN D 348 -0.76 -24.01 -27.02
N PRO D 349 -0.32 -24.46 -28.22
CA PRO D 349 0.93 -25.21 -28.24
C PRO D 349 2.14 -24.41 -27.75
N LEU D 350 2.26 -23.17 -28.23
CA LEU D 350 3.37 -22.30 -27.85
C LEU D 350 3.34 -22.02 -26.35
N GLN D 351 2.15 -21.75 -25.83
CA GLN D 351 1.95 -21.53 -24.40
C GLN D 351 2.38 -22.74 -23.60
N ARG D 352 2.07 -23.93 -24.09
CA ARG D 352 2.43 -25.17 -23.40
C ARG D 352 3.93 -25.42 -23.43
N LYS D 353 4.57 -25.11 -24.55
CA LYS D 353 6.03 -25.22 -24.66
C LYS D 353 6.73 -24.29 -23.67
N LEU D 354 6.35 -23.01 -23.71
CA LEU D 354 6.89 -22.01 -22.80
C LEU D 354 6.64 -22.38 -21.34
N PHE D 355 5.48 -22.98 -21.09
CA PHE D 355 5.13 -23.42 -19.74
C PHE D 355 6.05 -24.53 -19.28
N THR D 356 6.26 -25.52 -20.14
CA THR D 356 7.18 -26.62 -19.84
C THR D 356 8.58 -26.09 -19.52
N ALA D 357 9.08 -25.22 -20.39
CA ALA D 357 10.38 -24.58 -20.19
C ALA D 357 10.43 -23.82 -18.87
N ALA D 358 9.31 -23.23 -18.48
CA ALA D 358 9.22 -22.48 -17.23
C ALA D 358 9.30 -23.41 -16.02
N VAL D 359 8.53 -24.50 -16.06
CA VAL D 359 8.49 -25.46 -14.96
C VAL D 359 9.86 -26.11 -14.77
N GLN D 360 10.53 -26.42 -15.87
CA GLN D 360 11.88 -26.99 -15.79
C GLN D 360 12.86 -26.03 -15.12
N LEU D 361 12.65 -24.73 -15.34
CA LEU D 361 13.57 -23.72 -14.85
C LEU D 361 13.24 -23.23 -13.44
N LEU D 362 12.31 -23.89 -12.77
CA LEU D 362 11.82 -23.41 -11.48
C LEU D 362 12.36 -24.24 -10.31
N LYS D 363 12.92 -23.54 -9.32
CA LYS D 363 13.38 -24.19 -8.09
C LYS D 363 12.21 -24.81 -7.34
N PRO D 364 12.48 -25.85 -6.52
CA PRO D 364 11.45 -26.40 -5.64
C PRO D 364 10.96 -25.35 -4.65
N GLU D 365 9.69 -25.44 -4.27
CA GLU D 365 9.03 -24.45 -3.42
C GLU D 365 9.03 -23.06 -4.08
N GLY D 366 9.18 -23.04 -5.40
CA GLY D 366 9.18 -21.79 -6.15
C GLY D 366 7.79 -21.44 -6.62
N VAL D 367 7.61 -20.20 -7.07
CA VAL D 367 6.30 -19.74 -7.53
C VAL D 367 6.30 -19.47 -9.03
N LEU D 368 5.31 -20.04 -9.71
CA LEU D 368 5.13 -19.82 -11.14
C LEU D 368 3.78 -19.20 -11.43
N VAL D 369 3.79 -17.97 -11.95
CA VAL D 369 2.54 -17.31 -12.29
C VAL D 369 2.29 -17.29 -13.79
N TYR D 370 1.24 -17.98 -14.21
CA TYR D 370 0.85 -18.00 -15.62
C TYR D 370 -0.28 -17.02 -15.84
N SER D 371 -0.12 -16.10 -16.78
CA SER D 371 -1.14 -15.08 -17.00
C SER D 371 -1.34 -14.73 -18.47
N THR D 372 -2.60 -14.62 -18.87
CA THR D 372 -2.95 -14.21 -20.22
C THR D 372 -3.90 -13.02 -20.20
N CYS D 373 -4.09 -12.40 -21.36
CA CYS D 373 -5.06 -11.32 -21.48
C CYS D 373 -6.20 -11.73 -22.42
N THR D 374 -6.40 -13.04 -22.54
CA THR D 374 -7.47 -13.57 -23.37
C THR D 374 -8.59 -14.16 -22.51
N ILE D 375 -9.69 -14.50 -23.15
CA ILE D 375 -10.88 -14.99 -22.44
C ILE D 375 -11.16 -16.45 -22.74
N THR D 376 -10.49 -16.99 -23.75
CA THR D 376 -10.73 -18.36 -24.20
C THR D 376 -10.41 -19.39 -23.12
N LEU D 377 -11.14 -20.50 -23.15
CA LEU D 377 -10.88 -21.61 -22.23
C LEU D 377 -9.59 -22.33 -22.59
N ALA D 378 -9.36 -22.49 -23.89
CA ALA D 378 -8.23 -23.28 -24.38
C ALA D 378 -6.88 -22.68 -24.01
N GLU D 379 -6.88 -21.39 -23.68
CA GLU D 379 -5.64 -20.70 -23.34
C GLU D 379 -5.53 -20.41 -21.85
N ASN D 380 -6.61 -20.65 -21.12
CA ASN D 380 -6.64 -20.38 -19.68
C ASN D 380 -6.84 -21.61 -18.81
N GLU D 381 -8.07 -21.83 -18.37
CA GLU D 381 -8.41 -22.94 -17.48
C GLU D 381 -7.93 -24.30 -18.01
N GLU D 382 -8.06 -24.49 -19.32
CA GLU D 382 -7.62 -25.73 -19.96
C GLU D 382 -6.12 -25.93 -19.77
N GLN D 383 -5.38 -24.82 -19.85
CA GLN D 383 -3.93 -24.87 -19.66
C GLN D 383 -3.57 -25.14 -18.20
N VAL D 384 -4.44 -24.70 -17.28
CA VAL D 384 -4.24 -24.96 -15.87
C VAL D 384 -4.44 -26.44 -15.57
N ALA D 385 -5.52 -27.00 -16.12
CA ALA D 385 -5.79 -28.43 -15.99
C ALA D 385 -4.66 -29.26 -16.59
N TRP D 386 -4.28 -28.91 -17.82
CA TRP D 386 -3.19 -29.58 -18.51
C TRP D 386 -1.90 -29.52 -17.72
N ALA D 387 -1.61 -28.37 -17.13
CA ALA D 387 -0.40 -28.18 -16.33
C ALA D 387 -0.44 -29.04 -15.08
N LEU D 388 -1.60 -29.08 -14.44
CA LEU D 388 -1.77 -29.84 -13.20
C LEU D 388 -1.70 -31.34 -13.46
N THR D 389 -2.02 -31.74 -14.70
CA THR D 389 -1.94 -33.15 -15.08
C THR D 389 -0.51 -33.56 -15.48
N LYS D 390 0.06 -32.85 -16.45
CA LYS D 390 1.39 -33.18 -16.96
C LYS D 390 2.47 -33.03 -15.90
N PHE D 391 2.40 -31.94 -15.13
CA PHE D 391 3.34 -31.72 -14.03
C PHE D 391 2.65 -31.96 -12.69
N PRO D 392 2.97 -33.09 -12.05
CA PRO D 392 2.35 -33.44 -10.77
C PRO D 392 3.07 -32.81 -9.59
N CYS D 393 4.26 -32.25 -9.83
CA CYS D 393 5.00 -31.56 -8.79
C CYS D 393 4.39 -30.18 -8.53
N LEU D 394 3.79 -29.60 -9.57
CA LEU D 394 3.06 -28.34 -9.43
C LEU D 394 1.78 -28.51 -8.62
N GLN D 395 1.37 -27.44 -7.94
CA GLN D 395 0.12 -27.44 -7.19
C GLN D 395 -0.49 -26.05 -7.16
N LEU D 396 -1.77 -25.97 -7.48
CA LEU D 396 -2.47 -24.69 -7.58
C LEU D 396 -2.53 -23.97 -6.24
N GLN D 397 -2.19 -22.69 -6.25
CA GLN D 397 -2.12 -21.89 -5.03
C GLN D 397 -3.17 -20.78 -5.01
N PRO D 398 -3.64 -20.42 -3.81
CA PRO D 398 -4.49 -19.23 -3.67
C PRO D 398 -3.69 -17.97 -3.96
N GLN D 399 -4.36 -16.88 -4.31
CA GLN D 399 -3.66 -15.66 -4.68
C GLN D 399 -4.00 -14.48 -3.79
N GLU D 400 -3.06 -13.54 -3.69
CA GLU D 400 -3.27 -12.29 -2.98
C GLU D 400 -2.62 -11.14 -3.75
N PRO D 401 -3.38 -10.07 -4.02
CA PRO D 401 -4.79 -9.88 -3.63
C PRO D 401 -5.77 -10.60 -4.57
N GLN D 402 -6.90 -11.02 -4.02
CA GLN D 402 -7.98 -11.57 -4.82
C GLN D 402 -8.89 -10.44 -5.28
N ILE D 403 -8.95 -10.21 -6.59
CA ILE D 403 -9.72 -9.09 -7.12
C ILE D 403 -10.72 -9.54 -8.18
N GLY D 404 -10.25 -10.34 -9.13
CA GLY D 404 -11.09 -10.79 -10.22
C GLY D 404 -12.03 -11.91 -9.83
N GLY D 405 -12.84 -12.35 -10.77
CA GLY D 405 -13.77 -13.45 -10.54
C GLY D 405 -13.04 -14.78 -10.50
N GLU D 406 -13.80 -15.84 -10.23
CA GLU D 406 -13.22 -17.18 -10.20
C GLU D 406 -13.12 -17.74 -11.61
N GLY D 407 -12.44 -18.87 -11.75
CA GLY D 407 -12.22 -19.49 -13.05
C GLY D 407 -13.51 -19.92 -13.70
N MET D 408 -13.48 -20.09 -15.03
CA MET D 408 -14.66 -20.50 -15.77
C MET D 408 -14.78 -22.01 -15.86
N ARG D 409 -15.99 -22.51 -15.61
CA ARG D 409 -16.25 -23.95 -15.70
C ARG D 409 -16.08 -24.44 -17.13
N GLY D 410 -15.54 -25.64 -17.29
CA GLY D 410 -15.41 -26.23 -18.61
C GLY D 410 -14.14 -27.03 -18.80
N ALA D 411 -13.12 -26.76 -18.00
CA ALA D 411 -11.84 -27.43 -18.13
C ALA D 411 -11.77 -28.68 -17.27
N GLY D 412 -12.81 -28.91 -16.48
CA GLY D 412 -12.88 -30.09 -15.63
C GLY D 412 -12.26 -29.89 -14.26
N LEU D 413 -12.02 -28.64 -13.90
CA LEU D 413 -11.48 -28.32 -12.59
C LEU D 413 -12.60 -28.30 -11.54
N SER D 414 -12.21 -28.42 -10.27
CA SER D 414 -13.18 -28.39 -9.18
C SER D 414 -13.47 -26.95 -8.78
N CYS D 415 -14.57 -26.75 -8.06
CA CYS D 415 -14.95 -25.41 -7.61
C CYS D 415 -13.86 -24.80 -6.74
N GLU D 416 -13.25 -25.64 -5.90
CA GLU D 416 -12.15 -25.22 -5.04
C GLU D 416 -10.96 -24.77 -5.88
N GLN D 417 -10.74 -25.43 -7.01
CA GLN D 417 -9.67 -25.07 -7.93
C GLN D 417 -9.99 -23.77 -8.66
N LEU D 418 -11.25 -23.60 -9.03
CA LEU D 418 -11.68 -22.40 -9.76
C LEU D 418 -11.63 -21.17 -8.88
N LYS D 419 -11.88 -21.36 -7.58
CA LYS D 419 -11.82 -20.25 -6.63
C LYS D 419 -10.39 -19.75 -6.43
N GLN D 420 -9.42 -20.55 -6.85
CA GLN D 420 -8.02 -20.16 -6.71
C GLN D 420 -7.47 -19.48 -7.96
N LEU D 421 -8.29 -19.44 -9.01
CA LEU D 421 -7.91 -18.74 -10.24
C LEU D 421 -8.46 -17.32 -10.22
N GLN D 422 -7.85 -16.43 -11.00
CA GLN D 422 -8.39 -15.08 -11.11
C GLN D 422 -8.72 -14.73 -12.55
N ARG D 423 -10.01 -14.82 -12.89
CA ARG D 423 -10.46 -14.48 -14.24
C ARG D 423 -11.28 -13.21 -14.24
N PHE D 424 -10.84 -12.24 -15.04
CA PHE D 424 -11.54 -10.96 -15.14
C PHE D 424 -12.57 -10.99 -16.28
N ASP D 425 -13.81 -10.66 -15.94
CA ASP D 425 -14.90 -10.70 -16.90
C ASP D 425 -15.40 -9.31 -17.24
N PRO D 426 -15.30 -8.94 -18.52
CA PRO D 426 -15.82 -7.66 -19.00
C PRO D 426 -17.33 -7.54 -18.82
N SER D 427 -18.01 -8.68 -18.77
CA SER D 427 -19.46 -8.72 -18.63
C SER D 427 -19.91 -8.83 -17.17
N ALA D 428 -19.01 -8.51 -16.25
CA ALA D 428 -19.32 -8.61 -14.82
C ALA D 428 -20.35 -7.56 -14.39
N VAL D 429 -20.10 -6.31 -14.75
CA VAL D 429 -20.99 -5.21 -14.37
C VAL D 429 -21.41 -4.41 -15.60
N PRO D 430 -22.59 -3.76 -15.52
CA PRO D 430 -23.09 -2.93 -16.63
C PRO D 430 -22.14 -1.78 -16.98
N LEU D 431 -22.17 -1.34 -18.23
CA LEU D 431 -21.33 -0.24 -18.68
C LEU D 431 -21.81 1.08 -18.11
N PRO D 432 -20.98 1.72 -17.26
CA PRO D 432 -21.33 2.98 -16.60
C PRO D 432 -21.15 4.20 -17.50
N ASP D 433 -22.24 4.91 -17.78
CA ASP D 433 -22.16 6.11 -18.59
C ASP D 433 -21.86 7.31 -17.69
N THR D 434 -20.61 7.40 -17.29
CA THR D 434 -20.18 8.43 -16.35
C THR D 434 -20.20 9.84 -16.95
N ASP D 435 -20.82 10.77 -16.22
CA ASP D 435 -20.69 12.19 -16.49
C ASP D 435 -20.43 12.89 -15.17
N MET D 436 -20.15 14.18 -15.21
CA MET D 436 -19.78 14.93 -14.01
C MET D 436 -20.82 14.80 -12.90
N ASP D 437 -22.08 14.76 -13.30
CA ASP D 437 -23.19 14.57 -12.36
C ASP D 437 -23.10 13.20 -11.70
N SER D 438 -22.68 12.20 -12.48
CA SER D 438 -22.50 10.85 -11.95
C SER D 438 -21.29 10.80 -11.04
N LEU D 439 -20.26 11.58 -11.38
CA LEU D 439 -19.06 11.68 -10.57
C LEU D 439 -19.36 12.25 -9.19
N ARG D 440 -20.07 13.37 -9.15
CA ARG D 440 -20.34 14.07 -7.89
C ARG D 440 -21.11 13.21 -6.90
N GLU D 441 -22.12 12.50 -7.39
CA GLU D 441 -22.97 11.67 -6.53
C GLU D 441 -22.54 10.21 -6.55
N ALA D 442 -21.23 9.96 -6.49
CA ALA D 442 -20.72 8.60 -6.56
C ALA D 442 -19.99 8.18 -5.29
N ARG D 443 -20.47 7.09 -4.68
CA ARG D 443 -19.81 6.47 -3.54
C ARG D 443 -18.47 5.87 -3.96
N ARG D 444 -17.48 5.96 -3.09
CA ARG D 444 -16.13 5.50 -3.41
C ARG D 444 -16.02 3.98 -3.61
N GLU D 445 -16.71 3.21 -2.77
CA GLU D 445 -16.65 1.76 -2.87
C GLU D 445 -17.24 1.28 -4.19
N ASP D 446 -18.17 2.07 -4.72
CA ASP D 446 -18.83 1.76 -5.98
C ASP D 446 -17.83 1.94 -7.11
N MET D 447 -17.06 3.02 -7.01
CA MET D 447 -16.00 3.31 -7.95
C MET D 447 -14.94 2.22 -7.93
N LEU D 448 -14.56 1.78 -6.73
CA LEU D 448 -13.55 0.73 -6.59
C LEU D 448 -14.02 -0.59 -7.18
N ARG D 449 -15.27 -0.97 -6.89
CA ARG D 449 -15.82 -2.18 -7.47
C ARG D 449 -15.87 -2.05 -8.99
N LEU D 450 -16.19 -0.85 -9.46
CA LEU D 450 -16.24 -0.57 -10.89
C LEU D 450 -14.88 -0.78 -11.55
N ALA D 451 -13.84 -0.29 -10.88
CA ALA D 451 -12.48 -0.41 -11.39
C ALA D 451 -12.03 -1.87 -11.36
N ASN D 452 -12.51 -2.62 -10.38
CA ASN D 452 -12.15 -4.03 -10.25
C ASN D 452 -12.87 -4.93 -11.25
N LYS D 453 -14.06 -4.53 -11.66
CA LYS D 453 -14.89 -5.39 -12.51
C LYS D 453 -14.87 -4.98 -13.99
N ASP D 454 -15.15 -3.72 -14.26
CA ASP D 454 -15.16 -3.23 -15.64
C ASP D 454 -13.76 -3.00 -16.17
N SER D 455 -13.05 -4.10 -16.43
CA SER D 455 -11.68 -4.03 -16.93
C SER D 455 -11.52 -4.91 -18.16
N ILE D 456 -10.29 -5.04 -18.63
CA ILE D 456 -10.01 -5.88 -19.79
C ILE D 456 -10.15 -7.35 -19.42
N GLY D 457 -10.15 -8.22 -20.43
CA GLY D 457 -10.16 -9.64 -20.19
C GLY D 457 -8.78 -10.09 -19.74
N PHE D 458 -8.74 -10.85 -18.66
CA PHE D 458 -7.46 -11.28 -18.09
C PHE D 458 -7.61 -12.57 -17.31
N PHE D 459 -6.50 -13.30 -17.18
CA PHE D 459 -6.51 -14.57 -16.47
C PHE D 459 -5.18 -14.81 -15.75
N ILE D 460 -5.27 -15.08 -14.44
CA ILE D 460 -4.10 -15.34 -13.62
C ILE D 460 -4.21 -16.67 -12.87
N ALA D 461 -3.16 -17.48 -12.99
CA ALA D 461 -3.07 -18.76 -12.29
C ALA D 461 -1.74 -18.86 -11.56
N LYS D 462 -1.77 -19.36 -10.33
CA LYS D 462 -0.58 -19.43 -9.49
C LYS D 462 -0.22 -20.88 -9.14
N PHE D 463 1.06 -21.22 -9.31
CA PHE D 463 1.53 -22.58 -9.07
C PHE D 463 2.72 -22.59 -8.11
N VAL D 464 2.86 -23.69 -7.37
CA VAL D 464 4.03 -23.88 -6.50
C VAL D 464 4.64 -25.26 -6.77
N LYS D 465 5.96 -25.35 -6.69
CA LYS D 465 6.67 -26.59 -6.96
C LYS D 465 7.04 -27.30 -5.66
N CYS D 466 7.25 -28.61 -5.75
CA CYS D 466 7.63 -29.39 -4.57
C CYS D 466 9.00 -30.03 -4.75
#